data_2QHX
#
_entry.id   2QHX
#
_cell.length_a   95.499
_cell.length_b   104.231
_cell.length_c   136.865
_cell.angle_alpha   90.00
_cell.angle_beta   90.00
_cell.angle_gamma   90.00
#
_symmetry.space_group_name_H-M   'P 21 21 21'
#
loop_
_entity.id
_entity.type
_entity.pdbx_description
1 polymer 'Pteridine reductase 1'
2 non-polymer 'IODIDE ION'
3 non-polymer 'NADP NICOTINAMIDE-ADENINE-DINUCLEOTIDE PHOSPHATE'
4 non-polymer 'METHYL 1-(4-{[(2,4-DIAMINOPTERIDIN-6-YL)METHYL](METHYL)AMINO}BENZOYL)PIPERIDINE-4-CARBOXYLATE'
5 water water
#
_entity_poly.entity_id   1
_entity_poly.type   'polypeptide(L)'
_entity_poly.pdbx_seq_one_letter_code
;MGSSHHHHHHSSGLVPRGSHMGSSHHHHHHSSGLVPRGSHMTAPTVPVALVTGAAKRLGRSIAEGLHAEGYAVCLHYHRS
AAEANALSATLNARRPNSAITVQADLSNVATAPVSGADGSAPVTLFTRCAELVAACYTHWGRCDVLVNNASSFYPTPLLR
NDEDGHEPCVGDREAMETATADLFGSNAIAPYFLIKAFAHRVAGTPAKHRGTNYSIINMVDAMTNQPLLGYTIYTMAKGA
LEGLTRSAALELAPLQIRVNGVGPGLSVLVDDMPPAVWEGHRSKVPLYQRDSSAAEVSDVVIFLCSSKAKYITGTCVKVD
GGYSLTRA
;
_entity_poly.pdbx_strand_id   A,B,C,D
#
# COMPACT_ATOMS: atom_id res chain seq x y z
N THR A 45 18.85 23.11 -28.23
CA THR A 45 17.80 23.99 -27.64
C THR A 45 17.42 23.64 -26.16
N VAL A 46 16.77 24.61 -25.51
CA VAL A 46 16.43 24.66 -24.08
C VAL A 46 15.09 23.97 -23.77
N PRO A 47 15.07 23.07 -22.76
CA PRO A 47 13.84 22.37 -22.40
C PRO A 47 12.82 23.25 -21.65
N VAL A 48 11.55 22.88 -21.75
CA VAL A 48 10.45 23.67 -21.21
C VAL A 48 9.62 22.91 -20.16
N ALA A 49 9.35 23.59 -19.04
CA ALA A 49 8.52 23.01 -17.99
C ALA A 49 7.27 23.85 -17.79
N LEU A 50 6.13 23.18 -17.69
CA LEU A 50 4.89 23.82 -17.28
C LEU A 50 4.62 23.47 -15.84
N VAL A 51 4.53 24.48 -14.99
CA VAL A 51 4.25 24.30 -13.57
C VAL A 51 2.96 25.00 -13.23
N THR A 52 1.95 24.24 -12.83
CA THR A 52 0.66 24.80 -12.44
C THR A 52 0.71 25.28 -10.99
N GLY A 53 0.00 26.37 -10.70
CA GLY A 53 0.02 27.00 -9.37
C GLY A 53 1.43 27.39 -8.96
N ALA A 54 2.13 28.06 -9.86
CA ALA A 54 3.57 28.32 -9.74
C ALA A 54 3.92 29.61 -8.99
N ALA A 55 2.92 30.38 -8.57
CA ALA A 55 3.16 31.75 -8.06
C ALA A 55 3.93 31.79 -6.75
N LYS A 56 3.57 30.93 -5.81
CA LYS A 56 4.20 30.94 -4.51
C LYS A 56 4.44 29.56 -3.91
N ARG A 57 5.00 29.55 -2.71
CA ARG A 57 5.19 28.34 -1.91
C ARG A 57 5.87 27.22 -2.73
N LEU A 58 5.29 26.01 -2.77
CA LEU A 58 5.96 24.86 -3.40
C LEU A 58 6.10 24.99 -4.92
N GLY A 59 5.04 25.47 -5.57
CA GLY A 59 5.06 25.69 -7.02
C GLY A 59 6.15 26.64 -7.48
N ARG A 60 6.33 27.73 -6.74
CA ARG A 60 7.41 28.67 -7.00
C ARG A 60 8.77 28.00 -6.85
N SER A 61 8.94 27.22 -5.78
CA SER A 61 10.18 26.53 -5.50
C SER A 61 10.48 25.51 -6.59
N ILE A 62 9.44 24.85 -7.09
CA ILE A 62 9.59 23.92 -8.20
C ILE A 62 9.97 24.67 -9.48
N ALA A 63 9.27 25.77 -9.77
CA ALA A 63 9.62 26.60 -10.92
C ALA A 63 11.08 27.09 -10.84
N GLU A 64 11.48 27.57 -9.67
CA GLU A 64 12.83 28.07 -9.46
C GLU A 64 13.86 26.95 -9.61
N GLY A 65 13.55 25.79 -9.03
CA GLY A 65 14.45 24.63 -9.09
C GLY A 65 14.69 24.17 -10.51
N LEU A 66 13.62 24.10 -11.29
CA LEU A 66 13.70 23.71 -12.69
C LEU A 66 14.46 24.75 -13.52
N HIS A 67 14.18 26.02 -13.24
CA HIS A 67 14.83 27.12 -13.92
C HIS A 67 16.35 27.09 -13.67
N ALA A 68 16.72 26.73 -12.45
CA ALA A 68 18.13 26.66 -12.04
C ALA A 68 18.89 25.55 -12.77
N GLU A 69 18.13 24.60 -13.31
CA GLU A 69 18.69 23.49 -14.06
C GLU A 69 18.72 23.82 -15.57
N GLY A 70 18.20 24.98 -15.94
CA GLY A 70 18.28 25.43 -17.32
C GLY A 70 16.97 25.43 -18.09
N TYR A 71 15.89 24.99 -17.44
CA TYR A 71 14.57 24.97 -18.05
C TYR A 71 14.01 26.38 -18.26
N ALA A 72 13.36 26.59 -19.39
CA ALA A 72 12.44 27.72 -19.52
C ALA A 72 11.16 27.27 -18.83
N VAL A 73 10.47 28.20 -18.17
CA VAL A 73 9.36 27.79 -17.33
C VAL A 73 8.09 28.57 -17.64
N CYS A 74 7.00 27.85 -17.91
CA CYS A 74 5.69 28.48 -18.03
C CYS A 74 4.98 28.45 -16.68
N LEU A 75 4.77 29.64 -16.11
CA LEU A 75 4.25 29.78 -14.76
C LEU A 75 2.74 29.95 -14.77
N HIS A 76 2.00 28.90 -14.40
CA HIS A 76 0.55 29.00 -14.32
C HIS A 76 0.13 29.63 -12.99
N TYR A 77 -0.91 30.47 -13.06
CA TYR A 77 -1.53 31.03 -11.87
C TYR A 77 -3.04 31.14 -12.06
N HIS A 78 -3.76 31.22 -10.95
CA HIS A 78 -5.19 31.46 -10.99
C HIS A 78 -5.49 32.87 -10.50
N ARG A 79 -5.26 33.12 -9.22
CA ARG A 79 -5.57 34.42 -8.64
C ARG A 79 -4.34 35.26 -8.33
N SER A 80 -3.17 34.63 -8.30
CA SER A 80 -1.96 35.31 -7.87
C SER A 80 -1.15 35.89 -9.03
N ALA A 81 -1.78 36.83 -9.75
CA ALA A 81 -1.13 37.50 -10.89
C ALA A 81 0.15 38.24 -10.50
N ALA A 82 0.07 39.05 -9.44
CA ALA A 82 1.20 39.84 -8.98
C ALA A 82 2.42 38.96 -8.71
N GLU A 83 2.24 37.97 -7.84
CA GLU A 83 3.30 37.04 -7.43
C GLU A 83 3.90 36.29 -8.61
N ALA A 84 3.04 35.80 -9.48
CA ALA A 84 3.46 35.09 -10.68
C ALA A 84 4.30 35.99 -11.58
N ASN A 85 3.80 37.19 -11.89
CA ASN A 85 4.53 38.16 -12.71
C ASN A 85 5.85 38.63 -12.09
N ALA A 86 5.89 38.74 -10.77
CA ALA A 86 7.11 39.08 -10.06
C ALA A 86 8.14 37.97 -10.19
N LEU A 87 7.68 36.72 -10.05
CA LEU A 87 8.54 35.56 -10.24
C LEU A 87 9.08 35.47 -11.68
N SER A 88 8.22 35.74 -12.65
CA SER A 88 8.61 35.75 -14.06
C SER A 88 9.69 36.79 -14.32
N ALA A 89 9.51 37.96 -13.71
CA ALA A 89 10.46 39.06 -13.81
C ALA A 89 11.85 38.65 -13.31
N THR A 90 11.90 38.05 -12.12
CA THR A 90 13.16 37.58 -11.55
C THR A 90 13.88 36.60 -12.47
N LEU A 91 13.12 35.63 -12.99
CA LEU A 91 13.69 34.58 -13.82
C LEU A 91 14.15 35.10 -15.18
N ASN A 92 13.36 35.97 -15.81
CA ASN A 92 13.74 36.62 -17.07
C ASN A 92 14.95 37.55 -16.92
N ALA A 93 15.12 38.14 -15.74
CA ALA A 93 16.30 38.92 -15.44
C ALA A 93 17.57 38.07 -15.39
N ARG A 94 17.50 36.89 -14.76
CA ARG A 94 18.63 35.97 -14.69
C ARG A 94 18.98 35.43 -16.08
N ARG A 95 17.93 35.15 -16.85
CA ARG A 95 18.08 34.52 -18.15
C ARG A 95 16.94 35.02 -19.04
N PRO A 96 17.25 35.90 -20.01
CA PRO A 96 16.20 36.46 -20.87
C PRO A 96 15.38 35.38 -21.56
N ASN A 97 14.07 35.60 -21.64
CA ASN A 97 13.13 34.67 -22.28
C ASN A 97 13.13 33.26 -21.70
N SER A 98 13.18 33.19 -20.37
CA SER A 98 13.16 31.90 -19.68
C SER A 98 11.91 31.70 -18.80
N ALA A 99 10.97 32.62 -18.87
CA ALA A 99 9.75 32.53 -18.07
C ALA A 99 8.58 33.26 -18.72
N ILE A 100 7.40 32.66 -18.64
CA ILE A 100 6.15 33.30 -19.02
C ILE A 100 5.08 32.97 -17.98
N THR A 101 3.98 33.73 -17.99
CA THR A 101 2.87 33.46 -17.08
C THR A 101 1.58 33.26 -17.86
N VAL A 102 0.78 32.29 -17.43
CA VAL A 102 -0.54 32.04 -18.03
C VAL A 102 -1.58 31.89 -16.92
N GLN A 103 -2.76 32.46 -17.14
CA GLN A 103 -3.83 32.45 -16.16
C GLN A 103 -4.83 31.40 -16.56
N ALA A 104 -5.27 30.60 -15.58
CA ALA A 104 -6.35 29.63 -15.80
C ALA A 104 -7.00 29.17 -14.51
N ASP A 105 -8.33 29.13 -14.52
CA ASP A 105 -9.10 28.49 -13.48
C ASP A 105 -9.15 27.01 -13.82
N LEU A 106 -8.60 26.17 -12.93
CA LEU A 106 -8.49 24.75 -13.18
C LEU A 106 -9.60 23.98 -12.50
N SER A 107 -10.57 24.72 -11.99
CA SER A 107 -11.80 24.14 -11.46
C SER A 107 -12.63 23.53 -12.60
N ASN A 108 -13.37 22.45 -12.29
CA ASN A 108 -14.15 21.73 -13.30
C ASN A 108 -15.44 22.46 -13.69
N VAL A 109 -15.26 23.65 -14.25
CA VAL A 109 -16.37 24.50 -14.65
C VAL A 109 -16.11 25.07 -16.03
N ALA A 110 -17.19 25.42 -16.72
CA ALA A 110 -17.08 26.24 -17.93
C ALA A 110 -16.84 27.70 -17.54
N THR A 111 -16.03 28.40 -18.35
CA THR A 111 -15.80 29.82 -18.15
C THR A 111 -16.33 30.64 -19.32
N ALA A 112 -16.38 31.96 -19.14
CA ALA A 112 -16.82 32.90 -20.19
C ALA A 112 -15.76 33.04 -21.27
N PRO A 113 -16.19 33.09 -22.55
CA PRO A 113 -15.26 33.38 -23.68
C PRO A 113 -14.80 34.84 -23.70
N ALA A 121 -19.69 30.58 -27.26
CA ALA A 121 -19.80 29.40 -26.42
C ALA A 121 -18.94 29.51 -25.15
N PRO A 122 -19.35 28.83 -24.05
CA PRO A 122 -18.52 28.84 -22.84
C PRO A 122 -17.27 27.97 -23.06
N VAL A 123 -16.19 28.30 -22.37
CA VAL A 123 -14.95 27.55 -22.50
C VAL A 123 -14.84 26.48 -21.41
N THR A 124 -14.65 25.24 -21.84
CA THR A 124 -14.56 24.13 -20.89
C THR A 124 -13.18 24.00 -20.25
N LEU A 125 -13.10 23.25 -19.15
CA LEU A 125 -11.84 23.03 -18.45
C LEU A 125 -10.82 22.35 -19.36
N PHE A 126 -11.28 21.37 -20.13
CA PHE A 126 -10.41 20.67 -21.05
C PHE A 126 -9.72 21.65 -22.00
N THR A 127 -10.51 22.50 -22.66
CA THR A 127 -9.99 23.54 -23.55
C THR A 127 -8.95 24.40 -22.83
N ARG A 128 -9.29 24.88 -21.64
CA ARG A 128 -8.37 25.70 -20.85
C ARG A 128 -7.06 24.98 -20.55
N CYS A 129 -7.14 23.67 -20.29
CA CYS A 129 -5.94 22.85 -20.06
C CYS A 129 -5.10 22.69 -21.33
N ALA A 130 -5.76 22.46 -22.45
CA ALA A 130 -5.08 22.33 -23.73
C ALA A 130 -4.32 23.61 -24.10
N GLU A 131 -4.90 24.75 -23.78
CA GLU A 131 -4.27 26.04 -24.07
C GLU A 131 -3.05 26.32 -23.19
N LEU A 132 -3.03 25.77 -21.98
CA LEU A 132 -1.84 25.84 -21.14
C LEU A 132 -0.65 25.12 -21.79
N VAL A 133 -0.90 23.91 -22.29
CA VAL A 133 0.15 23.17 -22.95
C VAL A 133 0.52 23.88 -24.26
N ALA A 134 -0.50 24.31 -25.00
CA ALA A 134 -0.28 25.05 -26.25
C ALA A 134 0.61 26.28 -26.08
N ALA A 135 0.43 27.00 -24.97
CA ALA A 135 1.20 28.22 -24.70
C ALA A 135 2.70 27.95 -24.68
N CYS A 136 3.07 26.76 -24.20
CA CYS A 136 4.46 26.34 -24.20
C CYS A 136 4.96 26.13 -25.63
N TYR A 137 4.14 25.47 -26.45
CA TYR A 137 4.51 25.21 -27.84
C TYR A 137 4.56 26.47 -28.69
N THR A 138 3.57 27.35 -28.51
CA THR A 138 3.54 28.64 -29.19
C THR A 138 4.78 29.48 -28.87
N HIS A 139 5.16 29.54 -27.61
CA HIS A 139 6.26 30.41 -27.21
C HIS A 139 7.65 29.83 -27.41
N TRP A 140 7.79 28.53 -27.16
CA TRP A 140 9.12 27.89 -27.16
C TRP A 140 9.23 26.65 -28.06
N GLY A 141 8.12 26.23 -28.67
CA GLY A 141 8.15 25.11 -29.58
C GLY A 141 8.22 23.74 -28.93
N ARG A 142 8.06 23.68 -27.61
CA ARG A 142 8.16 22.41 -26.89
C ARG A 142 7.57 22.47 -25.49
N CYS A 143 7.31 21.29 -24.93
CA CYS A 143 6.95 21.15 -23.53
C CYS A 143 7.47 19.80 -23.01
N ASP A 144 8.52 19.85 -22.19
CA ASP A 144 9.22 18.64 -21.77
C ASP A 144 8.79 18.10 -20.41
N VAL A 145 8.41 19.01 -19.51
CA VAL A 145 8.04 18.67 -18.16
C VAL A 145 6.71 19.30 -17.80
N LEU A 146 5.83 18.53 -17.15
CA LEU A 146 4.59 19.04 -16.59
C LEU A 146 4.55 18.73 -15.11
N VAL A 147 4.37 19.76 -14.30
CA VAL A 147 4.21 19.57 -12.86
C VAL A 147 2.81 19.99 -12.45
N ASN A 148 1.99 19.00 -12.11
CA ASN A 148 0.64 19.24 -11.62
C ASN A 148 0.73 19.57 -10.16
N ASN A 149 0.82 20.87 -9.87
CA ASN A 149 1.04 21.36 -8.52
C ASN A 149 -0.17 22.10 -7.98
N ALA A 150 -0.85 22.86 -8.84
CA ALA A 150 -2.03 23.64 -8.44
C ALA A 150 -3.05 22.76 -7.72
N SER A 151 -3.59 23.26 -6.61
CA SER A 151 -4.43 22.47 -5.74
C SER A 151 -5.19 23.32 -4.76
N SER A 152 -6.51 23.21 -4.76
CA SER A 152 -7.30 23.80 -3.68
C SER A 152 -7.41 22.81 -2.50
N PHE A 153 -7.62 23.35 -1.31
CA PHE A 153 -7.50 22.57 -0.08
C PHE A 153 -8.28 23.25 1.02
N TYR A 154 -9.43 22.68 1.36
CA TYR A 154 -10.29 23.17 2.45
C TYR A 154 -11.31 22.10 2.82
N PRO A 155 -11.90 22.23 4.02
CA PRO A 155 -12.85 21.25 4.53
C PRO A 155 -14.09 21.08 3.65
N THR A 156 -14.50 19.83 3.47
CA THR A 156 -15.82 19.47 2.96
C THR A 156 -16.42 18.43 3.91
N PRO A 157 -16.95 18.88 5.07
CA PRO A 157 -17.33 17.97 6.14
C PRO A 157 -18.51 17.10 5.73
N LEU A 158 -18.52 15.86 6.21
CA LEU A 158 -19.65 14.96 6.01
C LEU A 158 -20.76 15.26 7.01
N LEU A 159 -20.37 15.80 8.16
CA LEU A 159 -21.30 16.15 9.23
C LEU A 159 -21.30 17.65 9.51
N ARG A 160 -22.50 18.22 9.70
CA ARG A 160 -22.69 19.65 10.01
C ARG A 160 -22.03 20.10 11.33
N GLU A 174 -25.18 27.20 -2.79
CA GLU A 174 -24.21 26.96 -3.86
C GLU A 174 -22.76 26.78 -3.34
N ALA A 175 -22.64 26.44 -2.05
CA ALA A 175 -21.31 26.22 -1.44
C ALA A 175 -20.66 25.03 -2.14
N MET A 176 -21.34 23.89 -2.33
CA MET A 176 -20.94 22.63 -1.74
C MET A 176 -20.21 22.00 -2.97
N GLU A 177 -20.17 22.69 -4.12
CA GLU A 177 -20.86 22.38 -5.38
C GLU A 177 -19.99 22.90 -6.54
N THR A 178 -19.70 24.20 -6.66
CA THR A 178 -18.43 24.90 -6.33
C THR A 178 -17.26 24.24 -5.63
N ALA A 179 -17.45 23.81 -4.39
CA ALA A 179 -16.40 23.09 -3.67
C ALA A 179 -15.99 21.79 -4.40
N THR A 180 -16.98 21.03 -4.85
CA THR A 180 -16.74 19.78 -5.57
C THR A 180 -15.93 20.03 -6.85
N ALA A 181 -16.35 21.01 -7.64
CA ALA A 181 -15.70 21.32 -8.91
C ALA A 181 -14.32 21.94 -8.74
N ASP A 182 -14.15 22.76 -7.70
CA ASP A 182 -12.88 23.39 -7.41
C ASP A 182 -11.85 22.37 -6.93
N LEU A 183 -12.24 21.56 -5.94
CA LEU A 183 -11.33 20.61 -5.33
C LEU A 183 -11.01 19.47 -6.29
N PHE A 184 -12.03 18.92 -6.95
CA PHE A 184 -11.81 17.83 -7.90
C PHE A 184 -11.14 18.27 -9.21
N GLY A 185 -11.48 19.48 -9.65
CA GLY A 185 -10.90 20.04 -10.86
C GLY A 185 -9.42 20.23 -10.73
N SER A 186 -8.99 20.97 -9.72
CA SER A 186 -7.60 21.34 -9.56
C SER A 186 -6.70 20.15 -9.24
N ASN A 187 -7.21 19.28 -8.37
CA ASN A 187 -6.42 18.15 -7.86
C ASN A 187 -6.39 16.92 -8.75
N ALA A 188 -7.39 16.77 -9.62
CA ALA A 188 -7.58 15.52 -10.36
C ALA A 188 -7.97 15.67 -11.83
N ILE A 189 -9.10 16.32 -12.12
CA ILE A 189 -9.61 16.44 -13.49
C ILE A 189 -8.71 17.29 -14.40
N ALA A 190 -8.27 18.46 -13.94
CA ALA A 190 -7.35 19.30 -14.74
C ALA A 190 -6.01 18.58 -15.03
N PRO A 191 -5.37 17.98 -14.00
CA PRO A 191 -4.20 17.13 -14.27
C PRO A 191 -4.44 16.09 -15.36
N TYR A 192 -5.59 15.42 -15.34
CA TYR A 192 -5.91 14.47 -16.39
C TYR A 192 -5.88 15.12 -17.77
N PHE A 193 -6.64 16.21 -17.94
CA PHE A 193 -6.71 16.93 -19.21
C PHE A 193 -5.34 17.49 -19.62
N LEU A 194 -4.60 18.00 -18.64
CA LEU A 194 -3.25 18.50 -18.86
C LEU A 194 -2.32 17.40 -19.35
N ILE A 195 -2.40 16.22 -18.73
CA ILE A 195 -1.60 15.08 -19.16
C ILE A 195 -2.00 14.68 -20.59
N LYS A 196 -3.30 14.55 -20.83
CA LYS A 196 -3.82 14.25 -22.16
C LYS A 196 -3.27 15.19 -23.24
N ALA A 197 -3.40 16.50 -23.03
CA ALA A 197 -2.86 17.50 -23.94
C ALA A 197 -1.34 17.38 -24.12
N PHE A 198 -0.63 17.22 -23.02
CA PHE A 198 0.82 17.05 -23.00
C PHE A 198 1.22 15.85 -23.86
N ALA A 199 0.50 14.74 -23.69
CA ALA A 199 0.77 13.50 -24.41
C ALA A 199 0.44 13.64 -25.89
N HIS A 200 -0.70 14.26 -26.18
CA HIS A 200 -1.13 14.50 -27.56
C HIS A 200 -0.09 15.27 -28.35
N ARG A 201 0.49 16.31 -27.73
CA ARG A 201 1.55 17.11 -28.37
C ARG A 201 2.83 16.33 -28.65
N VAL A 202 3.22 15.45 -27.72
CA VAL A 202 4.39 14.60 -27.92
C VAL A 202 4.14 13.59 -29.04
N ALA A 203 2.97 12.95 -29.02
CA ALA A 203 2.58 11.99 -30.06
C ALA A 203 2.55 12.64 -31.44
N GLY A 204 2.09 13.89 -31.48
CA GLY A 204 1.97 14.67 -32.72
C GLY A 204 3.31 15.17 -33.26
N THR A 205 4.34 15.13 -32.42
CA THR A 205 5.68 15.52 -32.81
C THR A 205 6.37 14.34 -33.46
N PRO A 206 7.00 14.56 -34.64
CA PRO A 206 7.79 13.51 -35.30
C PRO A 206 8.92 13.03 -34.39
N ALA A 207 9.10 11.71 -34.35
CA ALA A 207 10.07 11.08 -33.44
C ALA A 207 11.44 11.77 -33.43
N LYS A 208 11.94 12.12 -34.62
CA LYS A 208 13.23 12.77 -34.75
C LYS A 208 13.32 14.18 -34.13
N HIS A 209 12.18 14.78 -33.82
CA HIS A 209 12.15 16.13 -33.26
C HIS A 209 11.74 16.15 -31.78
N ARG A 210 11.46 14.98 -31.22
CA ARG A 210 11.02 14.86 -29.83
C ARG A 210 12.15 15.12 -28.83
N GLY A 211 11.77 15.57 -27.62
CA GLY A 211 12.72 15.71 -26.52
C GLY A 211 13.14 14.36 -26.01
N THR A 212 14.18 14.32 -25.19
CA THR A 212 14.79 13.05 -24.76
C THR A 212 14.53 12.75 -23.29
N ASN A 213 13.78 13.62 -22.62
CA ASN A 213 13.56 13.50 -21.18
C ASN A 213 12.21 14.07 -20.76
N TYR A 214 11.15 13.41 -21.22
CA TYR A 214 9.79 13.84 -20.88
C TYR A 214 9.40 13.34 -19.50
N SER A 215 8.91 14.26 -18.68
CA SER A 215 8.62 13.92 -17.29
C SER A 215 7.39 14.68 -16.78
N ILE A 216 6.43 13.94 -16.22
CA ILE A 216 5.25 14.53 -15.59
C ILE A 216 5.27 14.21 -14.09
N ILE A 217 5.21 15.24 -13.26
CA ILE A 217 5.17 15.06 -11.81
C ILE A 217 3.83 15.54 -11.25
N ASN A 218 3.18 14.65 -10.51
CA ASN A 218 1.94 14.98 -9.84
C ASN A 218 2.20 15.24 -8.36
N MET A 219 1.82 16.42 -7.89
CA MET A 219 1.95 16.73 -6.46
C MET A 219 0.81 16.09 -5.68
N VAL A 220 1.13 14.99 -5.00
CA VAL A 220 0.14 14.26 -4.21
C VAL A 220 0.30 14.59 -2.73
N ASP A 221 -0.08 13.67 -1.86
CA ASP A 221 -0.09 13.92 -0.42
C ASP A 221 0.35 12.65 0.30
N ALA A 222 1.38 12.76 1.12
CA ALA A 222 1.91 11.60 1.83
C ALA A 222 0.94 11.09 2.91
N MET A 223 0.03 11.97 3.34
CA MET A 223 -0.77 11.72 4.52
C MET A 223 -2.20 11.26 4.25
N THR A 224 -2.61 11.22 2.99
CA THR A 224 -4.03 10.98 2.68
C THR A 224 -4.56 9.60 3.02
N ASN A 225 -3.66 8.63 3.18
CA ASN A 225 -4.02 7.32 3.74
C ASN A 225 -4.31 7.37 5.22
N GLN A 226 -3.97 8.48 5.85
CA GLN A 226 -4.34 8.79 7.21
C GLN A 226 -5.14 10.08 7.14
N PRO A 227 -6.38 9.99 6.61
CA PRO A 227 -7.08 11.18 6.15
C PRO A 227 -7.22 12.28 7.18
N LEU A 228 -7.12 13.51 6.72
CA LEU A 228 -7.34 14.69 7.53
C LEU A 228 -8.85 14.84 7.74
N LEU A 229 -9.27 14.90 8.99
CA LEU A 229 -10.69 14.92 9.34
C LEU A 229 -11.44 16.10 8.72
N GLY A 230 -12.49 15.79 7.98
CA GLY A 230 -13.31 16.82 7.34
C GLY A 230 -12.88 17.23 5.94
N TYR A 231 -11.89 16.55 5.37
CA TYR A 231 -11.34 16.92 4.06
C TYR A 231 -11.63 15.90 2.95
N THR A 232 -12.81 15.30 3.00
CA THR A 232 -13.12 14.15 2.14
C THR A 232 -12.86 14.39 0.65
N ILE A 233 -13.50 15.40 0.07
CA ILE A 233 -13.35 15.68 -1.35
C ILE A 233 -11.88 15.83 -1.73
N TYR A 234 -11.13 16.63 -0.95
CA TYR A 234 -9.71 16.80 -1.18
C TYR A 234 -8.99 15.45 -1.21
N THR A 235 -9.25 14.63 -0.19
CA THR A 235 -8.63 13.32 -0.02
C THR A 235 -8.99 12.40 -1.19
N MET A 236 -10.26 12.41 -1.58
CA MET A 236 -10.74 11.68 -2.75
C MET A 236 -9.98 12.10 -4.00
N ALA A 237 -9.79 13.41 -4.16
CA ALA A 237 -9.13 13.95 -5.35
C ALA A 237 -7.65 13.54 -5.44
N LYS A 238 -6.95 13.52 -4.30
CA LYS A 238 -5.57 13.03 -4.27
C LYS A 238 -5.49 11.54 -4.57
N GLY A 239 -6.48 10.79 -4.08
CA GLY A 239 -6.62 9.40 -4.44
C GLY A 239 -6.72 9.22 -5.95
N ALA A 240 -7.53 10.08 -6.58
CA ALA A 240 -7.68 10.08 -8.04
C ALA A 240 -6.37 10.46 -8.74
N LEU A 241 -5.66 11.43 -8.19
CA LEU A 241 -4.38 11.85 -8.76
C LEU A 241 -3.34 10.73 -8.67
N GLU A 242 -3.38 9.96 -7.60
CA GLU A 242 -2.52 8.77 -7.49
C GLU A 242 -2.85 7.77 -8.60
N GLY A 243 -4.13 7.55 -8.83
CA GLY A 243 -4.57 6.68 -9.91
C GLY A 243 -4.10 7.19 -11.26
N LEU A 244 -4.20 8.49 -11.45
CA LEU A 244 -3.75 9.12 -12.70
C LEU A 244 -2.25 8.87 -12.92
N THR A 245 -1.47 9.01 -11.85
CA THR A 245 -0.04 8.76 -11.90
C THR A 245 0.27 7.35 -12.44
N ARG A 246 -0.41 6.35 -11.87
CA ARG A 246 -0.19 4.96 -12.24
C ARG A 246 -0.70 4.65 -13.65
N SER A 247 -1.92 5.08 -13.95
CA SER A 247 -2.52 4.81 -15.26
C SER A 247 -1.76 5.50 -16.38
N ALA A 248 -1.41 6.78 -16.19
CA ALA A 248 -0.65 7.51 -17.19
C ALA A 248 0.76 6.94 -17.39
N ALA A 249 1.41 6.55 -16.31
CA ALA A 249 2.75 5.97 -16.41
C ALA A 249 2.76 4.76 -17.34
N LEU A 250 1.72 3.93 -17.21
CA LEU A 250 1.63 2.72 -18.00
C LEU A 250 1.35 3.04 -19.46
N GLU A 251 0.39 3.93 -19.70
CA GLU A 251 -0.06 4.23 -21.05
C GLU A 251 0.93 5.07 -21.85
N LEU A 252 1.69 5.91 -21.15
CA LEU A 252 2.62 6.82 -21.80
C LEU A 252 4.05 6.30 -21.84
N ALA A 253 4.29 5.13 -21.25
CA ALA A 253 5.61 4.51 -21.33
C ALA A 253 6.15 4.32 -22.75
N PRO A 254 5.30 3.86 -23.71
CA PRO A 254 5.77 3.77 -25.11
C PRO A 254 6.32 5.08 -25.68
N LEU A 255 5.81 6.23 -25.21
CA LEU A 255 6.33 7.51 -25.67
C LEU A 255 7.46 8.04 -24.77
N GLN A 256 7.97 7.19 -23.88
CA GLN A 256 9.03 7.56 -22.94
C GLN A 256 8.67 8.75 -22.07
N ILE A 257 7.39 8.94 -21.82
CA ILE A 257 6.94 9.96 -20.87
C ILE A 257 6.81 9.29 -19.53
N ARG A 258 7.62 9.74 -18.57
CA ARG A 258 7.55 9.21 -17.21
C ARG A 258 6.51 9.99 -16.41
N VAL A 259 5.74 9.28 -15.60
CA VAL A 259 4.74 9.94 -14.75
C VAL A 259 4.93 9.46 -13.33
N ASN A 260 5.29 10.38 -12.45
CA ASN A 260 5.55 10.07 -11.04
C ASN A 260 4.87 11.03 -10.09
N GLY A 261 4.83 10.67 -8.82
CA GLY A 261 4.22 11.53 -7.81
C GLY A 261 5.21 11.94 -6.74
N VAL A 262 5.03 13.14 -6.21
CA VAL A 262 5.75 13.59 -5.02
C VAL A 262 4.71 13.95 -3.97
N GLY A 263 4.86 13.40 -2.77
CA GLY A 263 3.89 13.62 -1.71
C GLY A 263 4.49 14.25 -0.47
N PRO A 264 4.31 15.57 -0.29
CA PRO A 264 4.66 16.22 0.96
C PRO A 264 3.81 15.71 2.12
N GLY A 265 4.34 15.86 3.33
CA GLY A 265 3.56 15.64 4.55
C GLY A 265 3.11 16.99 5.06
N LEU A 266 4.02 17.66 5.76
CA LEU A 266 3.83 19.04 6.20
C LEU A 266 4.94 19.93 5.64
N SER A 267 4.56 20.92 4.85
CA SER A 267 5.52 21.83 4.21
C SER A 267 5.09 23.29 4.31
N VAL A 268 6.05 24.16 4.59
CA VAL A 268 5.83 25.60 4.68
C VAL A 268 4.48 25.93 5.35
N LEU A 269 4.35 25.42 6.58
CA LEU A 269 3.16 25.58 7.39
C LEU A 269 2.94 27.04 7.76
N VAL A 270 1.72 27.52 7.54
CA VAL A 270 1.37 28.92 7.85
C VAL A 270 1.04 29.08 9.32
N ASP A 271 1.62 30.12 9.91
CA ASP A 271 1.51 30.36 11.34
C ASP A 271 0.24 31.13 11.70
N ASP A 272 -0.81 30.99 10.89
CA ASP A 272 -2.06 31.74 11.10
C ASP A 272 -2.93 31.12 12.20
N MET A 273 -2.29 30.82 13.32
CA MET A 273 -2.93 30.21 14.47
C MET A 273 -2.04 30.51 15.69
N PRO A 274 -2.55 30.30 16.91
CA PRO A 274 -1.69 30.51 18.08
C PRO A 274 -0.35 29.80 17.90
N PRO A 275 0.77 30.50 18.17
CA PRO A 275 2.11 29.93 17.99
C PRO A 275 2.29 28.53 18.63
N ALA A 276 1.73 28.33 19.81
CA ALA A 276 1.87 27.05 20.50
C ALA A 276 1.14 25.94 19.74
N VAL A 277 0.07 26.30 19.02
CA VAL A 277 -0.69 25.35 18.22
C VAL A 277 0.08 24.99 16.95
N TRP A 278 0.63 26.00 16.30
CA TRP A 278 1.50 25.82 15.14
C TRP A 278 2.63 24.87 15.48
N GLU A 279 3.24 25.08 16.64
CA GLU A 279 4.32 24.24 17.14
C GLU A 279 3.89 22.82 17.44
N GLY A 280 2.65 22.65 17.93
CA GLY A 280 2.11 21.35 18.26
C GLY A 280 2.06 20.44 17.04
N HIS A 281 1.58 20.99 15.92
CA HIS A 281 1.44 20.21 14.69
C HIS A 281 2.79 19.79 14.12
N ARG A 282 3.71 20.74 13.97
CA ARG A 282 5.03 20.45 13.39
C ARG A 282 5.91 19.54 14.24
N SER A 283 5.72 19.57 15.55
CA SER A 283 6.49 18.75 16.48
C SER A 283 6.18 17.25 16.33
N LYS A 284 5.10 16.92 15.62
CA LYS A 284 4.69 15.54 15.43
C LYS A 284 5.46 14.81 14.33
N VAL A 285 6.16 15.58 13.48
CA VAL A 285 7.01 15.01 12.45
C VAL A 285 8.25 14.40 13.10
N PRO A 286 8.41 13.07 13.00
CA PRO A 286 9.55 12.39 13.66
C PRO A 286 10.91 13.00 13.31
N LEU A 287 11.16 13.24 12.02
CA LEU A 287 12.43 13.84 11.59
C LEU A 287 12.42 15.39 11.69
N TYR A 288 13.27 15.91 12.58
CA TYR A 288 13.48 17.35 12.78
C TYR A 288 12.41 18.06 13.62
N GLN A 289 11.27 17.39 13.81
CA GLN A 289 10.14 17.96 14.55
C GLN A 289 9.72 19.29 13.97
N ARG A 290 9.64 19.34 12.64
CA ARG A 290 9.23 20.53 11.93
C ARG A 290 8.67 20.18 10.56
N ASP A 291 7.88 21.09 10.00
CA ASP A 291 7.46 21.00 8.61
C ASP A 291 8.65 21.23 7.69
N SER A 292 8.53 20.81 6.44
CA SER A 292 9.63 20.98 5.50
C SER A 292 9.69 22.40 4.93
N SER A 293 10.84 22.75 4.38
CA SER A 293 10.98 23.93 3.56
C SER A 293 10.48 23.59 2.16
N ALA A 294 10.24 24.61 1.36
CA ALA A 294 9.79 24.40 -0.02
C ALA A 294 10.85 23.65 -0.84
N ALA A 295 12.12 24.01 -0.65
CA ALA A 295 13.22 23.38 -1.37
C ALA A 295 13.35 21.89 -1.05
N GLU A 296 13.07 21.53 0.21
CA GLU A 296 13.13 20.12 0.63
C GLU A 296 12.14 19.24 -0.15
N VAL A 297 11.06 19.85 -0.65
CA VAL A 297 10.13 19.14 -1.53
C VAL A 297 10.55 19.32 -3.01
N SER A 298 10.75 20.55 -3.45
CA SER A 298 11.05 20.85 -4.85
C SER A 298 12.33 20.18 -5.38
N ASP A 299 13.37 20.07 -4.56
CA ASP A 299 14.60 19.38 -4.97
C ASP A 299 14.34 17.94 -5.41
N VAL A 300 13.35 17.30 -4.77
CA VAL A 300 12.96 15.93 -5.11
C VAL A 300 12.26 15.90 -6.46
N VAL A 301 11.34 16.84 -6.69
CA VAL A 301 10.68 17.01 -7.98
C VAL A 301 11.72 17.19 -9.09
N ILE A 302 12.70 18.07 -8.82
CA ILE A 302 13.78 18.34 -9.76
C ILE A 302 14.59 17.09 -10.08
N PHE A 303 14.94 16.31 -9.05
CA PHE A 303 15.67 15.06 -9.29
C PHE A 303 14.90 14.10 -10.18
N LEU A 304 13.63 13.86 -9.86
CA LEU A 304 12.78 12.99 -10.64
C LEU A 304 12.64 13.41 -12.10
N CYS A 305 12.77 14.71 -12.37
CA CYS A 305 12.75 15.20 -13.75
C CYS A 305 14.09 15.04 -14.46
N SER A 306 15.16 14.84 -13.70
CA SER A 306 16.50 14.70 -14.28
C SER A 306 16.68 13.36 -14.98
N SER A 307 17.60 13.31 -15.94
CA SER A 307 17.84 12.08 -16.69
C SER A 307 18.39 10.94 -15.84
N LYS A 308 18.95 11.27 -14.67
CA LYS A 308 19.44 10.23 -13.75
C LYS A 308 18.29 9.41 -13.16
N ALA A 309 17.09 9.99 -13.15
CA ALA A 309 15.89 9.30 -12.67
C ALA A 309 15.07 8.68 -13.81
N LYS A 310 15.69 8.42 -14.96
CA LYS A 310 14.93 8.04 -16.15
C LYS A 310 14.35 6.62 -16.17
N TYR A 311 14.65 5.82 -15.15
CA TYR A 311 14.08 4.48 -15.04
C TYR A 311 12.92 4.45 -14.03
N ILE A 312 12.65 5.60 -13.39
CA ILE A 312 11.55 5.73 -12.45
C ILE A 312 10.30 6.20 -13.19
N THR A 313 9.24 5.38 -13.13
CA THR A 313 7.92 5.82 -13.57
C THR A 313 6.84 5.09 -12.77
N GLY A 314 5.68 5.74 -12.64
CA GLY A 314 4.55 5.17 -11.93
C GLY A 314 4.66 5.10 -10.41
N THR A 315 5.62 5.82 -9.84
CA THR A 315 5.89 5.73 -8.41
C THR A 315 5.64 7.05 -7.67
N CYS A 316 5.25 6.95 -6.40
CA CYS A 316 5.06 8.13 -5.56
C CYS A 316 6.13 8.19 -4.46
N VAL A 317 6.85 9.30 -4.41
CA VAL A 317 7.88 9.51 -3.41
C VAL A 317 7.37 10.39 -2.27
N LYS A 318 7.28 9.83 -1.07
CA LYS A 318 6.93 10.60 0.13
C LYS A 318 8.10 11.49 0.53
N VAL A 319 7.81 12.77 0.75
CA VAL A 319 8.77 13.70 1.32
C VAL A 319 8.11 14.26 2.58
N ASP A 320 8.13 13.47 3.65
CA ASP A 320 7.28 13.72 4.84
C ASP A 320 7.96 13.62 6.20
N GLY A 321 9.29 13.45 6.21
CA GLY A 321 10.03 13.38 7.47
C GLY A 321 9.54 12.28 8.40
N GLY A 322 8.96 11.24 7.82
CA GLY A 322 8.49 10.10 8.59
C GLY A 322 7.12 10.29 9.20
N TYR A 323 6.43 11.37 8.85
CA TYR A 323 5.13 11.67 9.44
C TYR A 323 4.06 10.57 9.20
N SER A 324 4.05 9.99 8.01
CA SER A 324 3.10 8.89 7.69
C SER A 324 3.37 7.59 8.45
N LEU A 325 4.49 7.51 9.15
CA LEU A 325 4.81 6.36 9.98
C LEU A 325 4.18 6.48 11.36
N THR A 326 3.63 7.65 11.67
CA THR A 326 3.06 7.92 13.00
C THR A 326 1.65 7.39 13.17
N ARG A 327 1.23 7.24 14.43
CA ARG A 327 -0.11 6.79 14.78
C ARG A 327 -0.58 7.64 15.95
N ALA A 328 -1.90 7.73 16.15
CA ALA A 328 -2.45 8.50 17.27
C ALA A 328 -2.14 7.85 18.62
N THR B 45 -38.68 -3.14 13.10
CA THR B 45 -37.61 -4.09 13.52
C THR B 45 -36.70 -4.56 12.38
N VAL B 46 -37.19 -4.46 11.14
CA VAL B 46 -36.50 -4.93 9.92
C VAL B 46 -35.52 -3.88 9.37
N PRO B 47 -34.22 -4.23 9.26
CA PRO B 47 -33.23 -3.28 8.75
C PRO B 47 -33.33 -3.06 7.25
N VAL B 48 -32.84 -1.92 6.78
CA VAL B 48 -32.98 -1.51 5.39
C VAL B 48 -31.64 -1.29 4.72
N ALA B 49 -31.49 -1.80 3.50
CA ALA B 49 -30.27 -1.62 2.74
C ALA B 49 -30.57 -0.93 1.41
N LEU B 50 -29.77 0.07 1.08
CA LEU B 50 -29.84 0.72 -0.22
C LEU B 50 -28.67 0.20 -1.05
N VAL B 51 -28.99 -0.39 -2.20
CA VAL B 51 -27.98 -0.95 -3.10
C VAL B 51 -28.10 -0.24 -4.44
N THR B 52 -27.06 0.49 -4.83
CA THR B 52 -27.07 1.20 -6.11
C THR B 52 -26.66 0.25 -7.23
N GLY B 53 -27.25 0.44 -8.40
CA GLY B 53 -27.00 -0.45 -9.55
C GLY B 53 -27.33 -1.89 -9.20
N ALA B 54 -28.52 -2.09 -8.65
CA ALA B 54 -28.92 -3.37 -8.06
C ALA B 54 -29.60 -4.36 -9.03
N ALA B 55 -29.82 -3.94 -10.27
CA ALA B 55 -30.65 -4.73 -11.20
C ALA B 55 -30.06 -6.08 -11.56
N LYS B 56 -28.76 -6.13 -11.83
CA LYS B 56 -28.15 -7.37 -12.30
C LYS B 56 -26.72 -7.59 -11.78
N ARG B 57 -26.15 -8.72 -12.19
CA ARG B 57 -24.76 -9.06 -11.87
C ARG B 57 -24.47 -8.88 -10.37
N LEU B 58 -23.40 -8.19 -10.01
CA LEU B 58 -22.97 -8.11 -8.60
C LEU B 58 -23.96 -7.41 -7.68
N GLY B 59 -24.51 -6.28 -8.14
CA GLY B 59 -25.52 -5.52 -7.40
C GLY B 59 -26.74 -6.35 -7.02
N ARG B 60 -27.22 -7.15 -7.98
CA ARG B 60 -28.32 -8.06 -7.72
C ARG B 60 -27.97 -9.11 -6.68
N SER B 61 -26.79 -9.70 -6.82
CA SER B 61 -26.31 -10.69 -5.87
C SER B 61 -26.16 -10.10 -4.47
N ILE B 62 -25.75 -8.83 -4.40
CA ILE B 62 -25.64 -8.13 -3.12
C ILE B 62 -27.03 -7.89 -2.52
N ALA B 63 -27.95 -7.39 -3.35
CA ALA B 63 -29.34 -7.19 -2.93
C ALA B 63 -29.96 -8.49 -2.44
N GLU B 64 -29.74 -9.58 -3.18
CA GLU B 64 -30.29 -10.89 -2.82
C GLU B 64 -29.67 -11.40 -1.53
N GLY B 65 -28.34 -11.25 -1.41
CA GLY B 65 -27.61 -11.69 -0.23
C GLY B 65 -28.08 -10.99 1.02
N LEU B 66 -28.29 -9.68 0.92
CA LEU B 66 -28.77 -8.88 2.06
C LEU B 66 -30.22 -9.24 2.40
N HIS B 67 -31.03 -9.43 1.37
CA HIS B 67 -32.43 -9.82 1.54
C HIS B 67 -32.54 -11.18 2.23
N ALA B 68 -31.62 -12.08 1.91
CA ALA B 68 -31.60 -13.42 2.51
C ALA B 68 -31.26 -13.37 3.99
N GLU B 69 -30.73 -12.25 4.44
CA GLU B 69 -30.33 -12.09 5.83
C GLU B 69 -31.41 -11.33 6.60
N GLY B 70 -32.46 -10.93 5.88
CA GLY B 70 -33.62 -10.32 6.52
C GLY B 70 -33.84 -8.85 6.20
N TYR B 71 -32.93 -8.26 5.43
CA TYR B 71 -33.01 -6.85 5.06
C TYR B 71 -34.14 -6.58 4.11
N ALA B 72 -34.82 -5.45 4.29
CA ALA B 72 -35.63 -4.89 3.21
C ALA B 72 -34.65 -4.14 2.33
N VAL B 73 -34.88 -4.13 1.02
CA VAL B 73 -33.86 -3.63 0.12
C VAL B 73 -34.43 -2.62 -0.84
N CYS B 74 -33.79 -1.46 -0.93
CA CYS B 74 -34.13 -0.46 -1.93
C CYS B 74 -33.21 -0.64 -3.14
N LEU B 75 -33.78 -1.04 -4.26
CA LEU B 75 -33.02 -1.40 -5.45
C LEU B 75 -32.91 -0.21 -6.38
N HIS B 76 -31.73 0.41 -6.42
CA HIS B 76 -31.49 1.50 -7.38
C HIS B 76 -31.17 0.95 -8.76
N TYR B 77 -31.63 1.67 -9.79
CA TYR B 77 -31.29 1.34 -11.16
C TYR B 77 -31.20 2.62 -11.97
N HIS B 78 -30.51 2.55 -13.11
CA HIS B 78 -30.47 3.68 -14.02
C HIS B 78 -31.29 3.37 -15.26
N ARG B 79 -30.81 2.42 -16.07
CA ARG B 79 -31.47 2.09 -17.34
C ARG B 79 -32.19 0.73 -17.32
N SER B 80 -31.90 -0.08 -16.31
CA SER B 80 -32.41 -1.47 -16.25
C SER B 80 -33.68 -1.58 -15.42
N ALA B 81 -34.72 -0.89 -15.86
CA ALA B 81 -36.02 -0.89 -15.17
C ALA B 81 -36.65 -2.28 -15.10
N ALA B 82 -36.70 -2.96 -16.24
CA ALA B 82 -37.27 -4.30 -16.31
C ALA B 82 -36.63 -5.23 -15.29
N GLU B 83 -35.31 -5.37 -15.37
CA GLU B 83 -34.55 -6.27 -14.51
C GLU B 83 -34.74 -5.93 -13.04
N ALA B 84 -34.69 -4.64 -12.72
CA ALA B 84 -34.87 -4.17 -11.36
C ALA B 84 -36.26 -4.55 -10.83
N ASN B 85 -37.29 -4.23 -11.61
CA ASN B 85 -38.66 -4.54 -11.22
C ASN B 85 -38.93 -6.05 -11.10
N ALA B 86 -38.29 -6.82 -11.96
CA ALA B 86 -38.38 -8.28 -11.91
C ALA B 86 -37.76 -8.80 -10.60
N LEU B 87 -36.60 -8.25 -10.25
CA LEU B 87 -35.93 -8.61 -9.00
C LEU B 87 -36.80 -8.22 -7.78
N SER B 88 -37.39 -7.03 -7.84
CA SER B 88 -38.26 -6.55 -6.77
C SER B 88 -39.43 -7.51 -6.58
N ALA B 89 -40.02 -7.93 -7.70
CA ALA B 89 -41.12 -8.89 -7.70
C ALA B 89 -40.74 -10.17 -6.97
N THR B 90 -39.60 -10.75 -7.34
CA THR B 90 -39.14 -12.00 -6.73
C THR B 90 -39.01 -11.84 -5.23
N LEU B 91 -38.38 -10.76 -4.80
CA LEU B 91 -38.12 -10.53 -3.37
C LEU B 91 -39.41 -10.24 -2.59
N ASN B 92 -40.30 -9.42 -3.16
CA ASN B 92 -41.59 -9.16 -2.54
C ASN B 92 -42.47 -10.41 -2.45
N ALA B 93 -42.28 -11.34 -3.39
CA ALA B 93 -42.97 -12.63 -3.35
C ALA B 93 -42.51 -13.50 -2.18
N ARG B 94 -41.20 -13.52 -1.93
CA ARG B 94 -40.64 -14.27 -0.79
C ARG B 94 -41.05 -13.66 0.54
N ARG B 95 -41.11 -12.33 0.57
CA ARG B 95 -41.37 -11.60 1.78
C ARG B 95 -42.05 -10.30 1.37
N PRO B 96 -43.36 -10.17 1.63
CA PRO B 96 -44.09 -8.97 1.23
C PRO B 96 -43.46 -7.70 1.79
N ASN B 97 -43.42 -6.65 0.96
CA ASN B 97 -42.90 -5.34 1.35
C ASN B 97 -41.44 -5.36 1.81
N SER B 98 -40.63 -6.13 1.10
CA SER B 98 -39.20 -6.25 1.41
C SER B 98 -38.32 -5.72 0.26
N ALA B 99 -38.94 -5.11 -0.75
CA ALA B 99 -38.18 -4.57 -1.88
C ALA B 99 -38.90 -3.42 -2.57
N ILE B 100 -38.16 -2.38 -2.93
CA ILE B 100 -38.65 -1.29 -3.78
C ILE B 100 -37.60 -0.98 -4.83
N THR B 101 -37.99 -0.23 -5.87
CA THR B 101 -37.03 0.21 -6.88
C THR B 101 -37.07 1.72 -7.03
N VAL B 102 -35.91 2.33 -7.25
CA VAL B 102 -35.79 3.77 -7.47
C VAL B 102 -34.85 4.01 -8.64
N GLN B 103 -35.19 4.98 -9.48
CA GLN B 103 -34.44 5.28 -10.68
C GLN B 103 -33.66 6.55 -10.46
N ALA B 104 -32.40 6.54 -10.88
CA ALA B 104 -31.53 7.73 -10.78
C ALA B 104 -30.29 7.61 -11.65
N ASP B 105 -30.02 8.67 -12.39
CA ASP B 105 -28.76 8.84 -13.09
C ASP B 105 -27.77 9.38 -12.08
N LEU B 106 -26.71 8.63 -11.83
CA LEU B 106 -25.72 8.97 -10.81
C LEU B 106 -24.50 9.66 -11.42
N SER B 107 -24.64 10.00 -12.69
CA SER B 107 -23.63 10.80 -13.37
C SER B 107 -23.62 12.23 -12.80
N ASN B 108 -22.45 12.87 -12.80
CA ASN B 108 -22.29 14.22 -12.24
C ASN B 108 -22.88 15.31 -13.15
N VAL B 109 -24.18 15.21 -13.39
CA VAL B 109 -24.89 16.15 -14.25
C VAL B 109 -26.20 16.60 -13.61
N ALA B 110 -26.66 17.78 -13.99
CA ALA B 110 -28.01 18.23 -13.67
C ALA B 110 -29.02 17.52 -14.58
N THR B 111 -30.17 17.18 -14.02
CA THR B 111 -31.25 16.57 -14.80
C THR B 111 -32.48 17.49 -14.85
N ALA B 112 -33.43 17.14 -15.73
CA ALA B 112 -34.69 17.88 -15.86
C ALA B 112 -35.63 17.60 -14.68
N PRO B 113 -36.32 18.65 -14.17
CA PRO B 113 -37.34 18.47 -13.14
C PRO B 113 -38.61 17.80 -13.68
N SER B 120 -39.41 25.00 -13.73
CA SER B 120 -38.64 24.73 -12.50
C SER B 120 -37.15 24.47 -12.80
N ALA B 121 -36.33 24.65 -11.77
CA ALA B 121 -34.86 24.50 -11.79
C ALA B 121 -34.38 23.07 -12.13
N PRO B 122 -33.14 22.94 -12.66
CA PRO B 122 -32.62 21.58 -12.94
C PRO B 122 -32.27 20.87 -11.63
N VAL B 123 -32.37 19.55 -11.62
CA VAL B 123 -32.06 18.77 -10.42
C VAL B 123 -30.60 18.30 -10.41
N THR B 124 -29.88 18.65 -9.36
CA THR B 124 -28.46 18.28 -9.25
C THR B 124 -28.26 16.84 -8.80
N LEU B 125 -27.04 16.32 -9.00
CA LEU B 125 -26.70 14.97 -8.58
C LEU B 125 -26.91 14.81 -7.08
N PHE B 126 -26.45 15.79 -6.31
CA PHE B 126 -26.58 15.75 -4.86
C PHE B 126 -28.03 15.53 -4.43
N THR B 127 -28.93 16.35 -4.97
CA THR B 127 -30.36 16.22 -4.70
C THR B 127 -30.85 14.81 -5.03
N ARG B 128 -30.47 14.31 -6.21
CA ARG B 128 -30.88 12.96 -6.63
C ARG B 128 -30.37 11.89 -5.66
N CYS B 129 -29.17 12.08 -5.13
CA CYS B 129 -28.59 11.17 -4.16
C CYS B 129 -29.33 11.21 -2.85
N ALA B 130 -29.67 12.42 -2.39
CA ALA B 130 -30.41 12.61 -1.15
C ALA B 130 -31.76 11.92 -1.21
N GLU B 131 -32.40 11.98 -2.38
CA GLU B 131 -33.73 11.39 -2.56
C GLU B 131 -33.69 9.86 -2.54
N LEU B 132 -32.56 9.28 -2.96
CA LEU B 132 -32.36 7.84 -2.84
C LEU B 132 -32.38 7.41 -1.38
N VAL B 133 -31.66 8.13 -0.54
CA VAL B 133 -31.64 7.81 0.89
C VAL B 133 -33.01 8.10 1.48
N ALA B 134 -33.60 9.23 1.09
CA ALA B 134 -34.93 9.63 1.56
C ALA B 134 -35.99 8.55 1.26
N ALA B 135 -35.91 7.93 0.08
CA ALA B 135 -36.86 6.90 -0.32
C ALA B 135 -36.91 5.74 0.67
N CYS B 136 -35.77 5.42 1.27
CA CYS B 136 -35.71 4.38 2.31
C CYS B 136 -36.44 4.83 3.56
N TYR B 137 -36.24 6.10 3.93
CA TYR B 137 -36.85 6.64 5.14
C TYR B 137 -38.35 6.79 4.98
N THR B 138 -38.77 7.35 3.85
CA THR B 138 -40.19 7.48 3.52
C THR B 138 -40.90 6.12 3.57
N HIS B 139 -40.30 5.09 2.97
CA HIS B 139 -40.99 3.82 2.84
C HIS B 139 -40.91 2.94 4.09
N TRP B 140 -39.75 2.95 4.76
CA TRP B 140 -39.48 2.01 5.86
C TRP B 140 -39.01 2.68 7.16
N GLY B 141 -38.82 4.00 7.12
CA GLY B 141 -38.44 4.76 8.32
C GLY B 141 -36.99 4.61 8.76
N ARG B 142 -36.18 3.97 7.93
CA ARG B 142 -34.76 3.75 8.24
C ARG B 142 -33.89 3.41 7.02
N CYS B 143 -32.57 3.55 7.20
CA CYS B 143 -31.60 3.12 6.20
C CYS B 143 -30.33 2.70 6.92
N ASP B 144 -30.10 1.39 7.02
CA ASP B 144 -29.02 0.85 7.83
C ASP B 144 -27.74 0.54 7.06
N VAL B 145 -27.90 0.18 5.80
CA VAL B 145 -26.78 -0.24 4.97
C VAL B 145 -26.85 0.52 3.65
N LEU B 146 -25.69 1.01 3.20
CA LEU B 146 -25.56 1.57 1.86
C LEU B 146 -24.45 0.81 1.15
N VAL B 147 -24.76 0.32 -0.05
CA VAL B 147 -23.76 -0.32 -0.88
C VAL B 147 -23.60 0.49 -2.15
N ASN B 148 -22.45 1.15 -2.25
CA ASN B 148 -22.13 1.91 -3.46
C ASN B 148 -21.61 0.96 -4.49
N ASN B 149 -22.51 0.45 -5.32
CA ASN B 149 -22.17 -0.56 -6.31
C ASN B 149 -22.22 -0.07 -7.74
N ALA B 150 -23.17 0.83 -8.02
CA ALA B 150 -23.36 1.37 -9.37
C ALA B 150 -22.06 1.96 -9.89
N SER B 151 -21.74 1.66 -11.15
CA SER B 151 -20.44 2.02 -11.71
C SER B 151 -20.44 1.91 -13.21
N SER B 152 -20.06 2.98 -13.90
CA SER B 152 -19.80 2.90 -15.32
C SER B 152 -18.32 2.53 -15.54
N PHE B 153 -18.03 1.93 -16.68
CA PHE B 153 -16.73 1.32 -16.93
C PHE B 153 -16.47 1.17 -18.42
N TYR B 154 -15.65 2.07 -18.96
CA TYR B 154 -15.26 2.02 -20.37
C TYR B 154 -14.00 2.84 -20.58
N PRO B 155 -13.30 2.62 -21.72
CA PRO B 155 -12.03 3.32 -22.00
C PRO B 155 -12.16 4.84 -22.10
N THR B 156 -11.20 5.53 -21.49
CA THR B 156 -10.96 6.94 -21.75
C THR B 156 -9.47 7.09 -22.06
N PRO B 157 -9.08 6.81 -23.32
CA PRO B 157 -7.66 6.69 -23.68
C PRO B 157 -6.97 8.03 -23.62
N LEU B 158 -5.70 8.03 -23.23
CA LEU B 158 -4.89 9.25 -23.23
C LEU B 158 -4.35 9.52 -24.62
N LEU B 159 -4.21 8.46 -25.40
CA LEU B 159 -3.71 8.53 -26.77
C LEU B 159 -4.75 8.07 -27.79
N ARG B 160 -4.82 8.77 -28.92
CA ARG B 160 -5.78 8.45 -30.00
C ARG B 160 -5.53 7.09 -30.67
N GLU B 174 -17.45 16.56 -26.62
CA GLU B 174 -18.82 16.17 -26.28
C GLU B 174 -18.86 14.74 -25.75
N ALA B 175 -18.11 13.85 -26.40
CA ALA B 175 -17.93 12.46 -25.94
C ALA B 175 -17.23 12.39 -24.59
N MET B 176 -16.17 13.18 -24.45
CA MET B 176 -15.15 12.94 -23.45
C MET B 176 -15.53 13.51 -22.09
N GLU B 177 -16.69 14.16 -22.10
CA GLU B 177 -17.03 15.20 -21.16
C GLU B 177 -18.20 14.69 -20.36
N THR B 178 -19.15 14.11 -21.11
CA THR B 178 -20.12 13.17 -20.59
C THR B 178 -19.42 11.94 -20.01
N ALA B 179 -18.33 11.50 -20.62
CA ALA B 179 -17.52 10.39 -20.07
C ALA B 179 -17.00 10.72 -18.68
N THR B 180 -16.45 11.93 -18.54
CA THR B 180 -15.89 12.39 -17.28
C THR B 180 -16.96 12.39 -16.19
N ALA B 181 -18.10 12.99 -16.49
CA ALA B 181 -19.19 13.11 -15.52
C ALA B 181 -19.87 11.77 -15.22
N ASP B 182 -19.96 10.89 -16.21
CA ASP B 182 -20.53 9.55 -16.02
C ASP B 182 -19.62 8.67 -15.15
N LEU B 183 -18.36 8.56 -15.53
CA LEU B 183 -17.41 7.72 -14.82
C LEU B 183 -17.11 8.23 -13.43
N PHE B 184 -16.85 9.53 -13.30
CA PHE B 184 -16.56 10.11 -12.00
C PHE B 184 -17.78 10.22 -11.07
N GLY B 185 -18.93 10.50 -11.66
CA GLY B 185 -20.17 10.60 -10.90
C GLY B 185 -20.54 9.29 -10.24
N SER B 186 -20.64 8.23 -11.04
CA SER B 186 -21.12 6.93 -10.56
C SER B 186 -20.14 6.30 -9.60
N ASN B 187 -18.86 6.39 -9.92
CA ASN B 187 -17.82 5.71 -9.15
C ASN B 187 -17.33 6.43 -7.91
N ALA B 188 -17.54 7.75 -7.85
CA ALA B 188 -16.91 8.58 -6.81
C ALA B 188 -17.80 9.67 -6.24
N ILE B 189 -18.28 10.58 -7.10
CA ILE B 189 -19.05 11.75 -6.63
C ILE B 189 -20.42 11.38 -6.03
N ALA B 190 -21.17 10.51 -6.71
CA ALA B 190 -22.46 10.05 -6.16
C ALA B 190 -22.30 9.31 -4.83
N PRO B 191 -21.35 8.35 -4.74
CA PRO B 191 -21.05 7.73 -3.44
C PRO B 191 -20.79 8.75 -2.32
N TYR B 192 -20.03 9.79 -2.63
CA TYR B 192 -19.78 10.84 -1.64
C TYR B 192 -21.09 11.45 -1.15
N PHE B 193 -21.91 11.94 -2.07
CA PHE B 193 -23.20 12.55 -1.74
C PHE B 193 -24.13 11.55 -1.05
N LEU B 194 -24.14 10.30 -1.52
CA LEU B 194 -24.94 9.26 -0.90
C LEU B 194 -24.51 9.02 0.55
N ILE B 195 -23.20 8.98 0.79
CA ILE B 195 -22.67 8.82 2.14
C ILE B 195 -23.07 10.02 3.00
N LYS B 196 -22.90 11.22 2.44
CA LYS B 196 -23.29 12.44 3.13
C LYS B 196 -24.77 12.38 3.58
N ALA B 197 -25.66 12.09 2.64
CA ALA B 197 -27.09 11.96 2.93
C ALA B 197 -27.36 10.88 3.97
N PHE B 198 -26.77 9.70 3.77
CA PHE B 198 -26.87 8.59 4.73
C PHE B 198 -26.49 9.01 6.15
N ALA B 199 -25.36 9.71 6.27
CA ALA B 199 -24.84 10.15 7.55
C ALA B 199 -25.72 11.22 8.18
N HIS B 200 -26.18 12.16 7.35
CA HIS B 200 -27.07 13.23 7.80
C HIS B 200 -28.34 12.66 8.44
N ARG B 201 -28.90 11.63 7.83
CA ARG B 201 -30.10 11.00 8.35
C ARG B 201 -29.88 10.27 9.67
N VAL B 202 -28.72 9.64 9.83
CA VAL B 202 -28.37 8.99 11.09
C VAL B 202 -28.16 10.05 12.20
N ALA B 203 -27.41 11.10 11.89
CA ALA B 203 -27.18 12.18 12.85
C ALA B 203 -28.50 12.82 13.28
N GLY B 204 -29.42 13.02 12.33
CA GLY B 204 -30.73 13.61 12.57
C GLY B 204 -31.69 12.73 13.36
N THR B 205 -31.37 11.44 13.45
CA THR B 205 -32.16 10.49 14.24
C THR B 205 -31.71 10.54 15.70
N PRO B 206 -32.67 10.65 16.64
CA PRO B 206 -32.34 10.64 18.08
C PRO B 206 -31.65 9.34 18.46
N ALA B 207 -30.59 9.44 19.28
CA ALA B 207 -29.76 8.29 19.63
C ALA B 207 -30.57 7.03 19.99
N LYS B 208 -31.63 7.20 20.78
CA LYS B 208 -32.45 6.09 21.27
C LYS B 208 -33.22 5.37 20.15
N HIS B 209 -33.33 5.98 18.97
CA HIS B 209 -34.10 5.41 17.85
C HIS B 209 -33.19 4.92 16.71
N ARG B 210 -31.89 5.10 16.86
CA ARG B 210 -30.92 4.69 15.83
C ARG B 210 -30.78 3.17 15.75
N GLY B 211 -30.41 2.66 14.57
CA GLY B 211 -30.09 1.25 14.40
C GLY B 211 -28.76 0.92 15.07
N THR B 212 -28.48 -0.37 15.19
CA THR B 212 -27.30 -0.79 15.95
C THR B 212 -26.17 -1.33 15.09
N ASN B 213 -26.36 -1.31 13.76
CA ASN B 213 -25.40 -1.91 12.85
C ASN B 213 -25.35 -1.19 11.50
N TYR B 214 -24.91 0.07 11.54
CA TYR B 214 -24.79 0.89 10.33
C TYR B 214 -23.53 0.52 9.57
N SER B 215 -23.68 0.30 8.27
CA SER B 215 -22.58 -0.19 7.45
C SER B 215 -22.69 0.33 6.03
N ILE B 216 -21.61 0.95 5.55
CA ILE B 216 -21.49 1.42 4.16
C ILE B 216 -20.37 0.65 3.46
N ILE B 217 -20.72 0.02 2.34
CA ILE B 217 -19.75 -0.73 1.55
C ILE B 217 -19.59 -0.07 0.19
N ASN B 218 -18.34 0.26 -0.13
CA ASN B 218 -17.99 0.79 -1.44
C ASN B 218 -17.40 -0.31 -2.31
N MET B 219 -17.97 -0.50 -3.51
CA MET B 219 -17.43 -1.47 -4.44
C MET B 219 -16.26 -0.85 -5.20
N VAL B 220 -15.06 -1.26 -4.81
CA VAL B 220 -13.84 -0.76 -5.43
C VAL B 220 -13.29 -1.78 -6.42
N ASP B 221 -11.98 -1.79 -6.64
CA ASP B 221 -11.37 -2.64 -7.66
C ASP B 221 -10.03 -3.13 -7.15
N ALA B 222 -9.84 -4.45 -7.12
CA ALA B 222 -8.60 -5.03 -6.61
C ALA B 222 -7.41 -4.76 -7.54
N MET B 223 -7.71 -4.43 -8.79
CA MET B 223 -6.70 -4.40 -9.83
C MET B 223 -6.20 -3.01 -10.23
N THR B 224 -6.81 -1.96 -9.68
CA THR B 224 -6.52 -0.59 -10.15
C THR B 224 -5.11 -0.08 -9.85
N ASN B 225 -4.41 -0.71 -8.91
CA ASN B 225 -2.99 -0.43 -8.71
C ASN B 225 -2.11 -1.03 -9.80
N GLN B 226 -2.72 -1.91 -10.59
CA GLN B 226 -2.12 -2.45 -11.80
C GLN B 226 -3.05 -2.03 -12.94
N PRO B 227 -3.04 -0.73 -13.29
CA PRO B 227 -4.13 -0.14 -14.05
C PRO B 227 -4.41 -0.85 -15.37
N LEU B 228 -5.69 -0.91 -15.72
CA LEU B 228 -6.13 -1.41 -16.99
C LEU B 228 -5.84 -0.35 -18.05
N LEU B 229 -5.08 -0.73 -19.07
CA LEU B 229 -4.63 0.20 -20.10
C LEU B 229 -5.80 0.91 -20.79
N GLY B 230 -5.78 2.24 -20.77
CA GLY B 230 -6.79 3.05 -21.43
C GLY B 230 -8.01 3.39 -20.60
N TYR B 231 -7.98 3.05 -19.31
CA TYR B 231 -9.13 3.26 -18.44
C TYR B 231 -8.91 4.32 -17.36
N THR B 232 -8.17 5.38 -17.72
CA THR B 232 -7.66 6.35 -16.74
C THR B 232 -8.74 6.94 -15.83
N ILE B 233 -9.78 7.53 -16.42
CA ILE B 233 -10.83 8.16 -15.61
C ILE B 233 -11.44 7.15 -14.66
N TYR B 234 -11.76 5.95 -15.16
CA TYR B 234 -12.31 4.91 -14.29
C TYR B 234 -11.37 4.63 -13.11
N THR B 235 -10.09 4.41 -13.41
CA THR B 235 -9.08 4.11 -12.40
C THR B 235 -8.94 5.26 -11.39
N MET B 236 -8.95 6.49 -11.89
CA MET B 236 -8.92 7.68 -11.04
C MET B 236 -10.12 7.68 -10.08
N ALA B 237 -11.28 7.34 -10.60
CA ALA B 237 -12.50 7.35 -9.82
C ALA B 237 -12.51 6.30 -8.71
N LYS B 238 -11.97 5.11 -9.00
CA LYS B 238 -11.82 4.09 -7.96
C LYS B 238 -10.82 4.53 -6.89
N GLY B 239 -9.75 5.20 -7.34
CA GLY B 239 -8.81 5.82 -6.42
C GLY B 239 -9.52 6.75 -5.48
N ALA B 240 -10.40 7.59 -6.03
CA ALA B 240 -11.19 8.52 -5.23
C ALA B 240 -12.12 7.78 -4.27
N LEU B 241 -12.72 6.68 -4.74
CA LEU B 241 -13.64 5.92 -3.91
C LEU B 241 -12.89 5.27 -2.74
N GLU B 242 -11.65 4.85 -2.98
CA GLU B 242 -10.81 4.35 -1.90
C GLU B 242 -10.56 5.42 -0.85
N GLY B 243 -10.29 6.64 -1.32
CA GLY B 243 -10.12 7.78 -0.44
C GLY B 243 -11.37 8.05 0.36
N LEU B 244 -12.53 7.92 -0.29
CA LEU B 244 -13.81 8.14 0.36
C LEU B 244 -14.03 7.13 1.48
N THR B 245 -13.65 5.88 1.21
CA THR B 245 -13.76 4.81 2.19
C THR B 245 -13.01 5.15 3.46
N ARG B 246 -11.76 5.59 3.31
CA ARG B 246 -10.90 5.90 4.44
C ARG B 246 -11.34 7.16 5.18
N SER B 247 -11.61 8.23 4.45
CA SER B 247 -12.05 9.49 5.04
C SER B 247 -13.39 9.35 5.75
N ALA B 248 -14.35 8.68 5.10
CA ALA B 248 -15.67 8.51 5.71
C ALA B 248 -15.59 7.63 6.96
N ALA B 249 -14.77 6.57 6.90
CA ALA B 249 -14.62 5.68 8.04
C ALA B 249 -14.18 6.47 9.27
N LEU B 250 -13.20 7.35 9.09
CA LEU B 250 -12.68 8.14 10.20
C LEU B 250 -13.71 9.12 10.75
N GLU B 251 -14.38 9.83 9.86
CA GLU B 251 -15.30 10.90 10.25
C GLU B 251 -16.62 10.37 10.82
N LEU B 252 -17.06 9.20 10.35
CA LEU B 252 -18.35 8.65 10.76
C LEU B 252 -18.24 7.65 11.89
N ALA B 253 -17.01 7.37 12.34
CA ALA B 253 -16.77 6.47 13.46
C ALA B 253 -17.55 6.86 14.74
N PRO B 254 -17.57 8.16 15.10
CA PRO B 254 -18.37 8.56 16.27
C PRO B 254 -19.85 8.18 16.18
N LEU B 255 -20.40 8.07 14.97
CA LEU B 255 -21.79 7.64 14.80
C LEU B 255 -21.92 6.14 14.64
N GLN B 256 -20.82 5.43 14.85
CA GLN B 256 -20.78 3.97 14.67
C GLN B 256 -21.18 3.52 13.27
N ILE B 257 -20.98 4.39 12.28
CA ILE B 257 -21.12 4.00 10.89
C ILE B 257 -19.78 3.50 10.35
N ARG B 258 -19.75 2.21 10.00
CA ARG B 258 -18.55 1.59 9.44
C ARG B 258 -18.53 1.79 7.94
N VAL B 259 -17.36 2.12 7.39
CA VAL B 259 -17.23 2.31 5.94
C VAL B 259 -16.07 1.46 5.45
N ASN B 260 -16.38 0.49 4.60
CA ASN B 260 -15.38 -0.42 4.09
C ASN B 260 -15.49 -0.62 2.58
N GLY B 261 -14.46 -1.22 1.99
CA GLY B 261 -14.46 -1.47 0.56
C GLY B 261 -14.36 -2.95 0.25
N VAL B 262 -15.01 -3.36 -0.83
CA VAL B 262 -14.82 -4.69 -1.39
C VAL B 262 -14.33 -4.51 -2.83
N GLY B 263 -13.21 -5.16 -3.14
CA GLY B 263 -12.63 -5.05 -4.46
C GLY B 263 -12.53 -6.37 -5.21
N PRO B 264 -13.45 -6.59 -6.17
CA PRO B 264 -13.31 -7.72 -7.09
C PRO B 264 -12.10 -7.57 -7.99
N GLY B 265 -11.62 -8.68 -8.54
CA GLY B 265 -10.62 -8.67 -9.59
C GLY B 265 -11.32 -8.90 -10.90
N LEU B 266 -11.65 -10.17 -11.17
CA LEU B 266 -12.45 -10.54 -12.34
C LEU B 266 -13.67 -11.30 -11.87
N SER B 267 -14.85 -10.77 -12.18
CA SER B 267 -16.12 -11.37 -11.76
C SER B 267 -17.15 -11.37 -12.88
N VAL B 268 -17.87 -12.49 -12.97
CA VAL B 268 -18.93 -12.68 -13.97
C VAL B 268 -18.56 -12.06 -15.32
N LEU B 269 -17.43 -12.51 -15.85
CA LEU B 269 -16.88 -12.05 -17.11
C LEU B 269 -17.79 -12.41 -18.28
N VAL B 270 -18.09 -11.43 -19.12
CA VAL B 270 -18.97 -11.70 -20.27
C VAL B 270 -18.13 -12.05 -21.51
N ASP B 271 -18.56 -13.03 -22.31
CA ASP B 271 -17.72 -13.39 -23.46
C ASP B 271 -18.20 -12.75 -24.76
N ASP B 272 -17.69 -11.54 -25.03
CA ASP B 272 -17.97 -10.84 -26.28
C ASP B 272 -16.66 -10.68 -27.05
N MET B 273 -15.97 -11.81 -27.17
CA MET B 273 -14.65 -11.85 -27.77
C MET B 273 -14.37 -13.31 -28.12
N PRO B 274 -13.41 -13.55 -29.03
CA PRO B 274 -13.09 -14.96 -29.34
C PRO B 274 -12.94 -15.79 -28.05
N PRO B 275 -13.54 -16.98 -27.99
CA PRO B 275 -13.46 -17.84 -26.81
C PRO B 275 -12.04 -17.98 -26.21
N ALA B 276 -11.03 -18.12 -27.07
CA ALA B 276 -9.64 -18.29 -26.63
C ALA B 276 -9.13 -17.06 -25.87
N VAL B 277 -9.58 -15.89 -26.29
CA VAL B 277 -9.25 -14.64 -25.60
C VAL B 277 -9.97 -14.55 -24.25
N TRP B 278 -11.23 -14.98 -24.20
CA TRP B 278 -12.01 -14.98 -22.97
C TRP B 278 -11.37 -15.91 -21.96
N GLU B 279 -11.18 -17.16 -22.37
CA GLU B 279 -10.46 -18.15 -21.59
C GLU B 279 -9.06 -17.67 -21.21
N GLY B 280 -8.43 -16.92 -22.11
CA GLY B 280 -7.10 -16.38 -21.86
C GLY B 280 -7.06 -15.46 -20.65
N HIS B 281 -8.04 -14.58 -20.55
CA HIS B 281 -8.08 -13.63 -19.45
C HIS B 281 -8.33 -14.31 -18.10
N ARG B 282 -9.33 -15.18 -18.04
CA ARG B 282 -9.70 -15.84 -16.79
C ARG B 282 -8.66 -16.83 -16.29
N SER B 283 -7.90 -17.41 -17.20
CA SER B 283 -6.86 -18.37 -16.84
C SER B 283 -5.70 -17.73 -16.07
N LYS B 284 -5.62 -16.41 -16.09
CA LYS B 284 -4.54 -15.68 -15.42
C LYS B 284 -4.74 -15.52 -13.91
N VAL B 285 -5.96 -15.75 -13.45
CA VAL B 285 -6.27 -15.75 -12.02
C VAL B 285 -5.63 -16.98 -11.35
N PRO B 286 -4.65 -16.77 -10.45
CA PRO B 286 -3.95 -17.91 -9.85
C PRO B 286 -4.90 -18.93 -9.21
N LEU B 287 -5.90 -18.47 -8.47
CA LEU B 287 -6.85 -19.36 -7.82
C LEU B 287 -8.02 -19.73 -8.72
N TYR B 288 -8.10 -21.02 -9.05
CA TYR B 288 -9.17 -21.61 -9.88
C TYR B 288 -9.07 -21.36 -11.39
N GLN B 289 -8.18 -20.43 -11.77
CA GLN B 289 -8.00 -20.03 -13.18
C GLN B 289 -9.32 -19.66 -13.81
N ARG B 290 -10.10 -18.87 -13.08
CA ARG B 290 -11.40 -18.39 -13.55
C ARG B 290 -11.80 -17.10 -12.85
N ASP B 291 -12.69 -16.34 -13.49
CA ASP B 291 -13.34 -15.21 -12.85
C ASP B 291 -14.26 -15.70 -11.72
N SER B 292 -14.62 -14.83 -10.81
CA SER B 292 -15.50 -15.21 -9.70
C SER B 292 -16.95 -15.25 -10.13
N SER B 293 -17.77 -15.92 -9.34
CA SER B 293 -19.22 -15.81 -9.45
C SER B 293 -19.63 -14.54 -8.70
N ALA B 294 -20.86 -14.11 -8.93
CA ALA B 294 -21.42 -12.97 -8.22
C ALA B 294 -21.46 -13.20 -6.69
N ALA B 295 -21.90 -14.39 -6.28
CA ALA B 295 -21.99 -14.74 -4.86
C ALA B 295 -20.61 -14.72 -4.15
N GLU B 296 -19.56 -15.13 -4.87
CA GLU B 296 -18.21 -15.13 -4.29
C GLU B 296 -17.78 -13.70 -3.91
N VAL B 297 -18.36 -12.70 -4.56
CA VAL B 297 -18.13 -11.32 -4.16
C VAL B 297 -19.16 -10.87 -3.12
N SER B 298 -20.44 -11.08 -3.43
CA SER B 298 -21.52 -10.57 -2.57
C SER B 298 -21.53 -11.13 -1.15
N ASP B 299 -21.18 -12.42 -1.00
CA ASP B 299 -21.10 -13.02 0.34
C ASP B 299 -20.15 -12.25 1.25
N VAL B 300 -19.09 -11.68 0.66
CA VAL B 300 -18.10 -10.90 1.43
C VAL B 300 -18.71 -9.58 1.85
N VAL B 301 -19.42 -8.92 0.94
CA VAL B 301 -20.16 -7.70 1.25
C VAL B 301 -21.11 -7.95 2.43
N ILE B 302 -21.87 -9.05 2.33
CA ILE B 302 -22.82 -9.44 3.37
C ILE B 302 -22.14 -9.68 4.72
N PHE B 303 -21.00 -10.36 4.71
CA PHE B 303 -20.28 -10.58 5.97
C PHE B 303 -19.86 -9.25 6.61
N LEU B 304 -19.29 -8.36 5.81
CA LEU B 304 -18.86 -7.05 6.30
C LEU B 304 -19.99 -6.23 6.90
N CYS B 305 -21.22 -6.45 6.40
CA CYS B 305 -22.40 -5.78 6.93
C CYS B 305 -22.90 -6.42 8.22
N SER B 306 -22.51 -7.67 8.46
CA SER B 306 -23.00 -8.40 9.66
C SER B 306 -22.35 -7.86 10.93
N SER B 307 -23.03 -8.07 12.06
CA SER B 307 -22.51 -7.57 13.33
C SER B 307 -21.21 -8.24 13.77
N LYS B 308 -20.91 -9.41 13.23
CA LYS B 308 -19.65 -10.08 13.53
C LYS B 308 -18.45 -9.30 13.00
N ALA B 309 -18.68 -8.48 11.96
CA ALA B 309 -17.65 -7.65 11.36
C ALA B 309 -17.63 -6.23 11.93
N LYS B 310 -18.21 -6.04 13.12
CA LYS B 310 -18.42 -4.68 13.64
C LYS B 310 -17.17 -3.92 14.10
N TYR B 311 -16.02 -4.58 14.11
CA TYR B 311 -14.77 -3.88 14.45
C TYR B 311 -13.96 -3.51 13.19
N ILE B 312 -14.47 -3.90 12.03
CA ILE B 312 -13.81 -3.57 10.76
C ILE B 312 -14.37 -2.26 10.23
N THR B 313 -13.50 -1.27 10.07
CA THR B 313 -13.84 -0.05 9.35
C THR B 313 -12.62 0.52 8.65
N GLY B 314 -12.86 1.22 7.53
CA GLY B 314 -11.79 1.87 6.79
C GLY B 314 -10.86 0.94 6.00
N THR B 315 -11.30 -0.29 5.79
CA THR B 315 -10.45 -1.26 5.12
C THR B 315 -11.05 -1.73 3.81
N CYS B 316 -10.18 -2.14 2.89
CA CYS B 316 -10.58 -2.68 1.60
C CYS B 316 -10.24 -4.17 1.48
N VAL B 317 -11.24 -4.99 1.23
CA VAL B 317 -11.04 -6.43 1.11
C VAL B 317 -11.01 -6.85 -0.37
N LYS B 318 -9.86 -7.35 -0.82
CA LYS B 318 -9.74 -7.88 -2.17
C LYS B 318 -10.45 -9.23 -2.25
N VAL B 319 -11.28 -9.38 -3.27
CA VAL B 319 -11.88 -10.66 -3.62
C VAL B 319 -11.48 -10.95 -5.07
N ASP B 320 -10.25 -11.42 -5.24
CA ASP B 320 -9.64 -11.46 -6.58
C ASP B 320 -8.92 -12.76 -6.96
N GLY B 321 -9.03 -13.79 -6.12
CA GLY B 321 -8.36 -15.06 -6.40
C GLY B 321 -6.86 -14.95 -6.61
N GLY B 322 -6.27 -13.93 -6.00
CA GLY B 322 -4.83 -13.72 -6.09
C GLY B 322 -4.36 -13.01 -7.35
N TYR B 323 -5.30 -12.46 -8.12
CA TYR B 323 -4.96 -11.83 -9.40
C TYR B 323 -4.02 -10.63 -9.26
N SER B 324 -4.19 -9.85 -8.19
CA SER B 324 -3.33 -8.69 -7.93
C SER B 324 -1.91 -9.06 -7.52
N LEU B 325 -1.68 -10.34 -7.26
CA LEU B 325 -0.33 -10.81 -6.94
C LEU B 325 0.48 -11.10 -8.20
N THR B 326 -0.17 -11.08 -9.35
CA THR B 326 0.47 -11.44 -10.63
C THR B 326 1.28 -10.29 -11.22
N ARG B 327 2.14 -10.62 -12.16
CA ARG B 327 2.96 -9.65 -12.89
C ARG B 327 3.05 -10.11 -14.34
N ALA B 328 3.34 -9.18 -15.24
CA ALA B 328 3.48 -9.51 -16.67
C ALA B 328 4.71 -10.36 -16.94
N VAL C 46 36.10 14.39 5.00
CA VAL C 46 35.61 13.42 3.97
C VAL C 46 34.64 12.40 4.60
N PRO C 47 33.38 12.35 4.10
CA PRO C 47 32.40 11.40 4.62
C PRO C 47 32.65 9.96 4.15
N VAL C 48 32.13 9.01 4.92
CA VAL C 48 32.41 7.60 4.70
C VAL C 48 31.13 6.81 4.46
N ALA C 49 31.16 5.94 3.46
CA ALA C 49 30.05 5.06 3.18
C ALA C 49 30.45 3.60 3.29
N LEU C 50 29.60 2.83 3.96
CA LEU C 50 29.75 1.38 3.99
C LEU C 50 28.73 0.76 3.05
N VAL C 51 29.23 0.02 2.06
CA VAL C 51 28.38 -0.63 1.06
C VAL C 51 28.61 -2.14 1.14
N THR C 52 27.57 -2.87 1.53
CA THR C 52 27.66 -4.33 1.60
C THR C 52 27.42 -4.93 0.22
N GLY C 53 28.12 -6.04 -0.06
CA GLY C 53 28.08 -6.68 -1.37
C GLY C 53 28.48 -5.72 -2.48
N ALA C 54 29.62 -5.07 -2.29
CA ALA C 54 30.02 -3.95 -3.14
C ALA C 54 30.87 -4.34 -4.36
N ALA C 55 31.23 -5.62 -4.47
CA ALA C 55 32.19 -6.07 -5.48
C ALA C 55 31.75 -5.86 -6.94
N LYS C 56 30.49 -6.16 -7.24
CA LYS C 56 30.02 -6.08 -8.62
C LYS C 56 28.57 -5.59 -8.74
N ARG C 57 28.11 -5.49 -9.99
CA ARG C 57 26.72 -5.18 -10.30
C ARG C 57 26.24 -3.94 -9.55
N LEU C 58 25.11 -4.01 -8.86
CA LEU C 58 24.51 -2.80 -8.28
C LEU C 58 25.35 -2.21 -7.14
N GLY C 59 25.88 -3.08 -6.29
CA GLY C 59 26.74 -2.66 -5.17
C GLY C 59 27.95 -1.87 -5.62
N ARG C 60 28.60 -2.35 -6.68
CA ARG C 60 29.73 -1.65 -7.27
C ARG C 60 29.32 -0.27 -7.80
N SER C 61 28.20 -0.23 -8.51
CA SER C 61 27.67 1.01 -9.04
C SER C 61 27.34 1.99 -7.94
N ILE C 62 26.81 1.48 -6.83
CA ILE C 62 26.53 2.31 -5.66
C ILE C 62 27.83 2.84 -5.04
N ALA C 63 28.81 1.95 -4.88
CA ALA C 63 30.13 2.33 -4.36
C ALA C 63 30.78 3.39 -5.25
N GLU C 64 30.72 3.17 -6.56
CA GLU C 64 31.27 4.12 -7.53
C GLU C 64 30.56 5.46 -7.50
N GLY C 65 29.22 5.41 -7.45
CA GLY C 65 28.39 6.62 -7.40
C GLY C 65 28.67 7.47 -6.18
N LEU C 66 28.79 6.82 -5.02
CA LEU C 66 29.11 7.50 -3.78
C LEU C 66 30.53 8.06 -3.78
N HIS C 67 31.47 7.29 -4.32
CA HIS C 67 32.85 7.71 -4.44
C HIS C 67 32.98 8.96 -5.35
N ALA C 68 32.16 9.00 -6.40
CA ALA C 68 32.17 10.11 -7.35
C ALA C 68 31.67 11.39 -6.69
N GLU C 69 30.98 11.25 -5.58
CA GLU C 69 30.45 12.39 -4.84
C GLU C 69 31.41 12.81 -3.73
N GLY C 70 32.52 12.09 -3.60
CA GLY C 70 33.55 12.46 -2.65
C GLY C 70 33.66 11.59 -1.41
N TYR C 71 32.79 10.59 -1.31
CA TYR C 71 32.84 9.64 -0.20
C TYR C 71 34.05 8.73 -0.26
N ALA C 72 34.66 8.47 0.90
CA ALA C 72 35.52 7.32 1.06
C ALA C 72 34.60 6.11 1.24
N VAL C 73 34.96 4.97 0.67
CA VAL C 73 34.03 3.86 0.63
C VAL C 73 34.64 2.57 1.18
N CYS C 74 33.93 1.95 2.13
CA CYS C 74 34.30 0.65 2.64
C CYS C 74 33.53 -0.41 1.86
N LEU C 75 34.26 -1.21 1.08
CA LEU C 75 33.66 -2.18 0.17
C LEU C 75 33.57 -3.55 0.80
N HIS C 76 32.37 -3.92 1.27
CA HIS C 76 32.16 -5.26 1.79
C HIS C 76 32.04 -6.29 0.69
N TYR C 77 32.59 -7.49 0.94
CA TYR C 77 32.43 -8.61 0.04
C TYR C 77 32.34 -9.91 0.83
N HIS C 78 31.77 -10.94 0.20
CA HIS C 78 31.76 -12.26 0.80
C HIS C 78 32.73 -13.17 0.08
N ARG C 79 32.39 -13.53 -1.17
CA ARG C 79 33.20 -14.46 -1.95
C ARG C 79 34.00 -13.78 -3.05
N SER C 80 33.63 -12.55 -3.40
CA SER C 80 34.25 -11.86 -4.53
C SER C 80 35.42 -10.97 -4.12
N ALA C 81 36.47 -11.59 -3.60
CA ALA C 81 37.68 -10.87 -3.15
C ALA C 81 38.40 -10.17 -4.30
N ALA C 82 38.63 -10.91 -5.39
CA ALA C 82 39.28 -10.35 -6.58
C ALA C 82 38.61 -9.08 -7.07
N GLU C 83 37.31 -9.18 -7.33
CA GLU C 83 36.51 -8.06 -7.86
C GLU C 83 36.49 -6.87 -6.91
N ALA C 84 36.32 -7.14 -5.62
CA ALA C 84 36.33 -6.09 -4.60
C ALA C 84 37.68 -5.37 -4.54
N ASN C 85 38.76 -6.14 -4.44
CA ASN C 85 40.11 -5.57 -4.44
C ASN C 85 40.45 -4.80 -5.71
N ALA C 86 39.96 -5.27 -6.86
CA ALA C 86 40.14 -4.56 -8.14
C ALA C 86 39.43 -3.22 -8.14
N LEU C 87 38.20 -3.21 -7.60
CA LEU C 87 37.44 -1.99 -7.47
C LEU C 87 38.11 -1.02 -6.50
N SER C 88 38.64 -1.54 -5.40
CA SER C 88 39.35 -0.72 -4.42
C SER C 88 40.56 -0.05 -5.05
N ALA C 89 41.27 -0.82 -5.88
CA ALA C 89 42.46 -0.33 -6.57
C ALA C 89 42.13 0.86 -7.47
N THR C 90 41.07 0.72 -8.27
CA THR C 90 40.62 1.77 -9.18
C THR C 90 40.30 3.05 -8.40
N LEU C 91 39.55 2.90 -7.30
CA LEU C 91 39.12 4.04 -6.53
C LEU C 91 40.28 4.71 -5.79
N ASN C 92 41.18 3.91 -5.23
CA ASN C 92 42.38 4.44 -4.58
C ASN C 92 43.33 5.15 -5.55
N ALA C 93 43.36 4.68 -6.80
CA ALA C 93 44.11 5.34 -7.85
C ALA C 93 43.55 6.73 -8.19
N ARG C 94 42.23 6.86 -8.26
CA ARG C 94 41.59 8.16 -8.52
C ARG C 94 41.80 9.13 -7.37
N ARG C 95 41.77 8.60 -6.16
CA ARG C 95 41.83 9.39 -4.95
C ARG C 95 42.44 8.51 -3.87
N PRO C 96 43.71 8.79 -3.50
CA PRO C 96 44.40 7.97 -2.51
C PRO C 96 43.64 7.87 -1.19
N ASN C 97 43.65 6.68 -0.59
CA ASN C 97 42.97 6.39 0.68
C ASN C 97 41.45 6.68 0.69
N SER C 98 40.78 6.29 -0.39
CA SER C 98 39.35 6.52 -0.53
C SER C 98 38.55 5.22 -0.63
N ALA C 99 39.22 4.08 -0.46
CA ALA C 99 38.58 2.78 -0.54
C ALA C 99 39.30 1.71 0.27
N ILE C 100 38.53 0.87 0.95
CA ILE C 100 39.05 -0.32 1.62
C ILE C 100 38.10 -1.49 1.35
N THR C 101 38.55 -2.71 1.60
CA THR C 101 37.70 -3.89 1.47
C THR C 101 37.67 -4.66 2.76
N VAL C 102 36.51 -5.20 3.11
CA VAL C 102 36.32 -6.04 4.30
C VAL C 102 35.49 -7.26 3.92
N GLN C 103 35.89 -8.42 4.44
CA GLN C 103 35.24 -9.69 4.14
C GLN C 103 34.31 -10.07 5.28
N ALA C 104 33.10 -10.51 4.94
CA ALA C 104 32.17 -11.03 5.94
C ALA C 104 31.06 -11.85 5.33
N ASP C 105 30.79 -13.00 5.95
CA ASP C 105 29.61 -13.79 5.65
C ASP C 105 28.48 -13.19 6.46
N LEU C 106 27.43 -12.71 5.76
CA LEU C 106 26.32 -12.02 6.39
C LEU C 106 25.13 -12.94 6.63
N SER C 107 25.37 -14.23 6.40
CA SER C 107 24.40 -15.27 6.71
C SER C 107 24.24 -15.40 8.22
N ASN C 108 23.04 -15.77 8.67
CA ASN C 108 22.74 -15.86 10.11
C ASN C 108 23.35 -17.10 10.78
N VAL C 109 24.66 -17.20 10.70
CA VAL C 109 25.40 -18.32 11.27
C VAL C 109 26.59 -17.84 12.09
N ALA C 110 27.02 -18.68 13.04
CA ALA C 110 28.29 -18.48 13.74
C ALA C 110 29.43 -18.91 12.82
N THR C 111 30.54 -18.16 12.87
CA THR C 111 31.73 -18.52 12.11
C THR C 111 32.89 -18.85 13.03
N ALA C 112 33.95 -19.43 12.46
CA ALA C 112 35.15 -19.80 13.21
C ALA C 112 35.97 -18.55 13.57
N PRO C 113 36.54 -18.52 14.80
CA PRO C 113 37.46 -17.44 15.20
C PRO C 113 38.83 -17.56 14.52
N ALA C 121 35.88 -19.11 21.15
CA ALA C 121 34.43 -19.04 20.90
C ALA C 121 34.10 -18.75 19.42
N PRO C 122 32.94 -19.27 18.93
CA PRO C 122 32.54 -18.95 17.55
C PRO C 122 32.10 -17.49 17.45
N VAL C 123 32.25 -16.90 16.27
CA VAL C 123 31.89 -15.50 16.05
C VAL C 123 30.47 -15.42 15.47
N THR C 124 29.60 -14.68 16.15
CA THR C 124 28.21 -14.53 15.72
C THR C 124 28.06 -13.49 14.61
N LEU C 125 26.93 -13.52 13.91
CA LEU C 125 26.63 -12.57 12.84
C LEU C 125 26.65 -11.14 13.36
N PHE C 126 26.06 -10.93 14.53
CA PHE C 126 26.04 -9.60 15.13
C PHE C 126 27.45 -9.03 15.27
N THR C 127 28.35 -9.80 15.87
CA THR C 127 29.75 -9.40 16.04
C THR C 127 30.38 -9.04 14.68
N ARG C 128 30.15 -9.88 13.68
CA ARG C 128 30.68 -9.65 12.35
C ARG C 128 30.16 -8.35 11.75
N CYS C 129 28.89 -8.06 12.01
CA CYS C 129 28.27 -6.82 11.55
C CYS C 129 28.87 -5.61 12.24
N ALA C 130 29.06 -5.72 13.55
CA ALA C 130 29.66 -4.63 14.34
C ALA C 130 31.06 -4.28 13.84
N GLU C 131 31.82 -5.31 13.45
CA GLU C 131 33.18 -5.13 12.94
C GLU C 131 33.23 -4.42 11.60
N LEU C 132 32.21 -4.64 10.78
CA LEU C 132 32.09 -3.91 9.51
C LEU C 132 31.98 -2.42 9.75
N VAL C 133 31.11 -2.02 10.67
CA VAL C 133 30.95 -0.62 11.02
C VAL C 133 32.23 -0.12 11.68
N ALA C 134 32.75 -0.88 12.65
CA ALA C 134 34.01 -0.55 13.33
C ALA C 134 35.19 -0.29 12.36
N ALA C 135 35.26 -1.06 11.28
CA ALA C 135 36.32 -0.93 10.28
C ALA C 135 36.34 0.46 9.67
N CYS C 136 35.16 1.06 9.51
CA CYS C 136 35.05 2.43 9.01
C CYS C 136 35.60 3.42 10.02
N TYR C 137 35.27 3.21 11.29
CA TYR C 137 35.72 4.11 12.35
C TYR C 137 37.22 4.00 12.59
N THR C 138 37.73 2.77 12.64
CA THR C 138 39.17 2.52 12.78
C THR C 138 39.96 3.19 11.66
N HIS C 139 39.49 3.07 10.42
CA HIS C 139 40.27 3.58 9.30
C HIS C 139 40.11 5.05 9.05
N TRP C 140 38.90 5.57 9.20
CA TRP C 140 38.58 6.93 8.80
C TRP C 140 37.92 7.78 9.91
N GLY C 141 37.64 7.17 11.06
CA GLY C 141 37.07 7.91 12.18
C GLY C 141 35.58 8.23 12.10
N ARG C 142 34.91 7.69 11.07
CA ARG C 142 33.49 7.97 10.86
C ARG C 142 32.80 6.93 9.98
N CYS C 143 31.47 6.95 10.03
CA CYS C 143 30.65 6.20 9.08
C CYS C 143 29.34 6.96 8.89
N ASP C 144 29.16 7.55 7.72
CA ASP C 144 28.04 8.47 7.46
C ASP C 144 26.88 7.82 6.74
N VAL C 145 27.19 6.88 5.87
CA VAL C 145 26.21 6.23 5.03
C VAL C 145 26.39 4.72 5.13
N LEU C 146 25.27 4.01 5.25
CA LEU C 146 25.25 2.55 5.17
C LEU C 146 24.29 2.15 4.07
N VAL C 147 24.78 1.35 3.13
CA VAL C 147 23.92 0.80 2.08
C VAL C 147 23.84 -0.71 2.23
N ASN C 148 22.68 -1.19 2.70
CA ASN C 148 22.42 -2.62 2.81
C ASN C 148 22.06 -3.18 1.45
N ASN C 149 23.08 -3.65 0.75
CA ASN C 149 22.91 -4.10 -0.62
C ASN C 149 23.10 -5.61 -0.77
N ALA C 150 24.04 -6.16 0.00
CA ALA C 150 24.33 -7.60 -0.05
C ALA C 150 23.05 -8.41 0.12
N SER C 151 22.90 -9.44 -0.71
CA SER C 151 21.65 -10.18 -0.79
C SER C 151 21.82 -11.48 -1.56
N SER C 152 21.47 -12.60 -0.92
CA SER C 152 21.37 -13.87 -1.64
C SER C 152 19.97 -14.00 -2.20
N PHE C 153 19.83 -14.79 -3.26
CA PHE C 153 18.62 -14.82 -4.07
C PHE C 153 18.56 -16.12 -4.87
N TYR C 154 17.72 -17.05 -4.40
CA TYR C 154 17.50 -18.32 -5.08
C TYR C 154 16.22 -18.96 -4.56
N PRO C 155 15.67 -19.94 -5.32
CA PRO C 155 14.41 -20.57 -4.97
C PRO C 155 14.44 -21.30 -3.62
N THR C 156 13.36 -21.15 -2.87
CA THR C 156 13.06 -22.01 -1.72
C THR C 156 11.60 -22.46 -1.89
N PRO C 157 11.38 -23.48 -2.75
CA PRO C 157 10.02 -23.85 -3.15
C PRO C 157 9.22 -24.44 -2.00
N LEU C 158 7.93 -24.16 -1.96
CA LEU C 158 7.04 -24.75 -0.97
C LEU C 158 6.65 -26.17 -1.39
N LEU C 159 6.68 -26.42 -2.70
CA LEU C 159 6.31 -27.71 -3.28
C LEU C 159 7.47 -28.35 -4.04
N ARG C 160 7.63 -29.66 -3.86
CA ARG C 160 8.73 -30.43 -4.48
C ARG C 160 8.68 -30.47 -6.01
N ALA C 175 20.19 -28.67 3.26
CA ALA C 175 20.06 -27.68 2.19
C ALA C 175 19.23 -26.47 2.61
N MET C 176 18.11 -26.76 3.27
CA MET C 176 16.99 -25.82 3.37
C MET C 176 17.17 -24.84 4.52
N GLU C 177 18.28 -25.03 5.22
CA GLU C 177 18.44 -24.63 6.60
C GLU C 177 19.56 -23.61 6.63
N THR C 178 20.62 -23.95 5.90
CA THR C 178 21.59 -22.99 5.37
C THR C 178 20.90 -21.98 4.43
N ALA C 179 19.89 -22.41 3.68
CA ALA C 179 19.13 -21.51 2.81
C ALA C 179 18.40 -20.46 3.63
N THR C 180 17.74 -20.91 4.70
CA THR C 180 17.03 -20.01 5.61
C THR C 180 18.00 -18.97 6.22
N ALA C 181 19.12 -19.43 6.75
CA ALA C 181 20.09 -18.54 7.38
C ALA C 181 20.80 -17.61 6.38
N ASP C 182 21.05 -18.11 5.17
CA ASP C 182 21.70 -17.32 4.12
C ASP C 182 20.77 -16.22 3.61
N LEU C 183 19.56 -16.60 3.22
CA LEU C 183 18.60 -15.67 2.65
C LEU C 183 18.10 -14.66 3.68
N PHE C 184 17.76 -15.14 4.88
CA PHE C 184 17.30 -14.24 5.93
C PHE C 184 18.39 -13.38 6.53
N GLY C 185 19.58 -13.95 6.68
CA GLY C 185 20.72 -13.22 7.22
C GLY C 185 21.09 -12.03 6.35
N SER C 186 21.39 -12.30 5.08
CA SER C 186 21.87 -11.26 4.17
C SER C 186 20.83 -10.17 3.91
N ASN C 187 19.58 -10.58 3.72
CA ASN C 187 18.51 -9.68 3.31
C ASN C 187 17.85 -8.92 4.45
N ALA C 188 17.97 -9.42 5.68
CA ALA C 188 17.18 -8.89 6.80
C ALA C 188 17.91 -8.81 8.14
N ILE C 189 18.41 -9.94 8.63
CA ILE C 189 19.05 -9.98 9.95
C ILE C 189 20.35 -9.17 10.02
N ALA C 190 21.22 -9.34 9.03
CA ALA C 190 22.47 -8.57 8.99
C ALA C 190 22.23 -7.07 8.86
N PRO C 191 21.35 -6.62 7.94
CA PRO C 191 20.94 -5.21 7.91
C PRO C 191 20.50 -4.68 9.29
N TYR C 192 19.69 -5.46 10.02
CA TYR C 192 19.27 -5.06 11.36
C TYR C 192 20.48 -4.80 12.25
N PHE C 193 21.38 -5.79 12.37
CA PHE C 193 22.58 -5.66 13.19
C PHE C 193 23.49 -4.51 12.72
N LEU C 194 23.64 -4.39 11.40
CA LEU C 194 24.42 -3.31 10.80
C LEU C 194 23.84 -1.95 11.16
N ILE C 195 22.52 -1.81 11.06
CA ILE C 195 21.88 -0.56 11.44
C ILE C 195 22.10 -0.27 12.92
N LYS C 196 21.87 -1.29 13.77
CA LYS C 196 22.11 -1.19 15.20
C LYS C 196 23.52 -0.68 15.50
N ALA C 197 24.54 -1.36 14.96
CA ALA C 197 25.92 -0.92 15.13
C ALA C 197 26.14 0.50 14.63
N PHE C 198 25.66 0.81 13.42
CA PHE C 198 25.75 2.14 12.84
C PHE C 198 25.18 3.20 13.80
N ALA C 199 23.97 2.96 14.29
CA ALA C 199 23.29 3.87 15.21
C ALA C 199 24.03 4.02 16.55
N HIS C 200 24.51 2.91 17.10
CA HIS C 200 25.28 2.90 18.34
CA HIS C 200 25.26 2.91 18.34
C HIS C 200 26.50 3.82 18.24
N ARG C 201 27.22 3.75 17.12
CA ARG C 201 28.39 4.58 16.90
C ARG C 201 28.08 6.06 16.80
N VAL C 202 26.94 6.40 16.18
CA VAL C 202 26.50 7.80 16.07
C VAL C 202 26.10 8.31 17.45
N ALA C 203 25.34 7.50 18.18
CA ALA C 203 24.91 7.86 19.53
C ALA C 203 26.12 8.07 20.45
N GLY C 204 27.12 7.21 20.29
CA GLY C 204 28.34 7.27 21.09
C GLY C 204 29.24 8.45 20.76
N THR C 205 29.04 9.06 19.60
CA THR C 205 29.78 10.23 19.18
C THR C 205 29.17 11.49 19.80
N PRO C 206 30.00 12.35 20.41
CA PRO C 206 29.51 13.62 20.97
C PRO C 206 28.87 14.47 19.89
N ALA C 207 27.72 15.06 20.21
CA ALA C 207 26.96 15.86 19.25
C ALA C 207 27.80 16.78 18.37
N LYS C 208 28.75 17.48 18.98
CA LYS C 208 29.58 18.46 18.26
C LYS C 208 30.51 17.84 17.21
N HIS C 209 30.75 16.53 17.31
CA HIS C 209 31.66 15.82 16.41
C HIS C 209 30.94 14.96 15.37
N ARG C 210 29.60 14.92 15.44
CA ARG C 210 28.80 14.11 14.53
C ARG C 210 28.78 14.68 13.11
N GLY C 211 28.54 13.81 12.13
CA GLY C 211 28.33 14.25 10.75
C GLY C 211 26.97 14.92 10.60
N THR C 212 26.75 15.56 9.46
CA THR C 212 25.54 16.36 9.25
C THR C 212 24.56 15.73 8.24
N ASN C 213 24.91 14.56 7.73
CA ASN C 213 24.11 13.89 6.70
C ASN C 213 24.14 12.37 6.80
N TYR C 214 23.61 11.84 7.90
CA TYR C 214 23.57 10.39 8.12
C TYR C 214 22.43 9.77 7.31
N SER C 215 22.77 8.73 6.55
CA SER C 215 21.81 8.11 5.64
C SER C 215 22.01 6.61 5.54
N ILE C 216 20.94 5.84 5.77
CA ILE C 216 20.96 4.40 5.58
C ILE C 216 20.00 4.05 4.44
N ILE C 217 20.50 3.35 3.44
CA ILE C 217 19.68 2.87 2.33
C ILE C 217 19.62 1.34 2.33
N ASN C 218 18.40 0.82 2.35
CA ASN C 218 18.15 -0.60 2.21
C ASN C 218 17.74 -0.97 0.79
N MET C 219 18.46 -1.91 0.19
CA MET C 219 18.10 -2.35 -1.16
C MET C 219 16.99 -3.38 -1.05
N VAL C 220 15.78 -2.95 -1.40
CA VAL C 220 14.60 -3.81 -1.34
C VAL C 220 14.26 -4.28 -2.75
N ASP C 221 12.99 -4.59 -3.01
CA ASP C 221 12.56 -5.16 -4.28
C ASP C 221 11.20 -4.58 -4.63
N ALA C 222 11.10 -3.96 -5.80
CA ALA C 222 9.84 -3.37 -6.24
C ALA C 222 8.74 -4.40 -6.53
N MET C 223 9.14 -5.64 -6.76
CA MET C 223 8.25 -6.67 -7.29
C MET C 223 7.70 -7.67 -6.25
N THR C 224 8.17 -7.59 -5.00
CA THR C 224 7.87 -8.63 -4.02
C THR C 224 6.42 -8.70 -3.58
N ASN C 225 5.66 -7.62 -3.80
CA ASN C 225 4.20 -7.66 -3.63
C ASN C 225 3.49 -8.43 -4.75
N GLN C 226 4.24 -8.72 -5.80
CA GLN C 226 3.83 -9.61 -6.86
C GLN C 226 4.84 -10.78 -6.88
N PRO C 227 4.79 -11.64 -5.85
CA PRO C 227 5.91 -12.53 -5.52
C PRO C 227 6.38 -13.36 -6.68
N LEU C 228 7.69 -13.55 -6.77
CA LEU C 228 8.28 -14.45 -7.74
C LEU C 228 8.05 -15.89 -7.27
N LEU C 229 7.44 -16.68 -8.14
CA LEU C 229 7.06 -18.04 -7.78
C LEU C 229 8.25 -18.87 -7.31
N GLY C 230 8.12 -19.44 -6.12
CA GLY C 230 9.15 -20.33 -5.57
C GLY C 230 10.23 -19.66 -4.75
N TYR C 231 10.08 -18.35 -4.50
CA TYR C 231 11.11 -17.56 -3.81
C TYR C 231 10.70 -17.07 -2.42
N THR C 232 9.87 -17.87 -1.75
CA THR C 232 9.23 -17.46 -0.49
C THR C 232 10.18 -16.84 0.54
N ILE C 233 11.23 -17.57 0.94
CA ILE C 233 12.15 -17.05 1.97
C ILE C 233 12.74 -15.71 1.56
N TYR C 234 13.21 -15.60 0.32
CA TYR C 234 13.71 -14.33 -0.21
C TYR C 234 12.66 -13.22 -0.07
N THR C 235 11.44 -13.49 -0.52
CA THR C 235 10.34 -12.53 -0.49
C THR C 235 10.02 -12.11 0.95
N MET C 236 9.97 -13.09 1.84
CA MET C 236 9.76 -12.84 3.26
C MET C 236 10.84 -11.89 3.79
N ALA C 237 12.08 -12.14 3.40
CA ALA C 237 13.21 -11.37 3.90
C ALA C 237 13.14 -9.90 3.43
N LYS C 238 12.74 -9.68 2.18
CA LYS C 238 12.56 -8.31 1.70
C LYS C 238 11.42 -7.61 2.45
N GLY C 239 10.37 -8.36 2.75
CA GLY C 239 9.29 -7.87 3.57
C GLY C 239 9.80 -7.43 4.93
N ALA C 240 10.70 -8.21 5.52
CA ALA C 240 11.34 -7.83 6.78
C ALA C 240 12.20 -6.59 6.64
N LEU C 241 12.93 -6.50 5.53
CA LEU C 241 13.78 -5.35 5.27
C LEU C 241 12.95 -4.07 5.11
N GLU C 242 11.80 -4.18 4.47
CA GLU C 242 10.87 -3.06 4.41
C GLU C 242 10.42 -2.62 5.80
N GLY C 243 10.10 -3.58 6.66
CA GLY C 243 9.75 -3.31 8.04
C GLY C 243 10.88 -2.62 8.77
N LEU C 244 12.12 -3.09 8.52
CA LEU C 244 13.31 -2.50 9.13
C LEU C 244 13.45 -1.05 8.74
N THR C 245 13.19 -0.76 7.46
CA THR C 245 13.29 0.59 6.92
C THR C 245 12.38 1.53 7.69
N ARG C 246 11.12 1.13 7.85
CA ARG C 246 10.12 1.94 8.54
C ARG C 246 10.38 2.08 10.04
N SER C 247 10.63 0.96 10.71
CA SER C 247 10.93 0.96 12.14
C SER C 247 12.18 1.78 12.46
N ALA C 248 13.25 1.57 11.71
CA ALA C 248 14.51 2.29 11.93
C ALA C 248 14.36 3.78 11.67
N ALA C 249 13.61 4.14 10.63
CA ALA C 249 13.41 5.54 10.28
C ALA C 249 12.79 6.30 11.44
N LEU C 250 11.78 5.69 12.06
CA LEU C 250 11.10 6.29 13.20
C LEU C 250 12.02 6.39 14.43
N GLU C 251 12.73 5.32 14.75
CA GLU C 251 13.52 5.28 15.96
C GLU C 251 14.80 6.10 15.89
N LEU C 252 15.35 6.24 14.69
CA LEU C 252 16.61 6.93 14.51
C LEU C 252 16.45 8.39 14.07
N ALA C 253 15.20 8.82 13.85
CA ALA C 253 14.90 10.21 13.53
C ALA C 253 15.50 11.23 14.52
N PRO C 254 15.39 10.98 15.85
CA PRO C 254 16.03 11.90 16.80
C PRO C 254 17.54 12.10 16.61
N LEU C 255 18.22 11.11 16.05
CA LEU C 255 19.65 11.25 15.74
C LEU C 255 19.90 11.73 14.32
N GLN C 256 18.84 12.17 13.64
CA GLN C 256 18.90 12.64 12.25
C GLN C 256 19.46 11.62 11.26
N ILE C 257 19.31 10.34 11.61
CA ILE C 257 19.67 9.26 10.70
C ILE C 257 18.44 8.93 9.87
N ARG C 258 18.54 9.14 8.56
CA ARG C 258 17.47 8.83 7.63
C ARG C 258 17.58 7.40 7.17
N VAL C 259 16.46 6.69 7.13
CA VAL C 259 16.46 5.30 6.67
C VAL C 259 15.41 5.15 5.58
N ASN C 260 15.88 4.81 4.39
CA ASN C 260 15.03 4.68 3.19
C ASN C 260 15.34 3.43 2.39
N GLY C 261 14.44 3.11 1.47
CA GLY C 261 14.61 1.94 0.64
C GLY C 261 14.64 2.28 -0.84
N VAL C 262 15.44 1.53 -1.59
CA VAL C 262 15.41 1.58 -3.04
C VAL C 262 15.07 0.19 -3.55
N GLY C 263 14.04 0.11 -4.36
CA GLY C 263 13.59 -1.17 -4.92
C GLY C 263 13.67 -1.27 -6.44
N PRO C 264 14.71 -1.97 -6.95
CA PRO C 264 14.76 -2.31 -8.36
C PRO C 264 13.65 -3.29 -8.73
N GLY C 265 13.28 -3.30 -10.01
CA GLY C 265 12.38 -4.32 -10.57
C GLY C 265 13.25 -5.36 -11.26
N LEU C 266 13.72 -5.02 -12.46
CA LEU C 266 14.68 -5.86 -13.20
C LEU C 266 15.89 -5.01 -13.56
N SER C 267 17.06 -5.43 -13.07
CA SER C 267 18.31 -4.68 -13.31
C SER C 267 19.44 -5.61 -13.69
N VAL C 268 20.26 -5.16 -14.64
CA VAL C 268 21.45 -5.89 -15.12
C VAL C 268 21.22 -7.40 -15.22
N LEU C 269 20.18 -7.75 -15.97
CA LEU C 269 19.74 -9.12 -16.17
C LEU C 269 20.82 -9.93 -16.87
N VAL C 270 21.12 -11.11 -16.33
CA VAL C 270 22.15 -11.99 -16.90
C VAL C 270 21.53 -12.87 -17.99
N GLU C 279 15.04 -12.03 -23.52
CA GLU C 279 14.28 -10.97 -24.19
C GLU C 279 12.82 -10.94 -23.75
N GLY C 280 12.26 -12.13 -23.51
CA GLY C 280 10.87 -12.27 -23.11
C GLY C 280 10.60 -11.56 -21.80
N HIS C 281 11.49 -11.77 -20.82
CA HIS C 281 11.34 -11.18 -19.49
C HIS C 281 11.46 -9.66 -19.52
N ARG C 282 12.54 -9.15 -20.13
CA ARG C 282 12.79 -7.71 -20.16
C ARG C 282 11.76 -6.92 -20.96
N SER C 283 11.15 -7.55 -21.95
CA SER C 283 10.17 -6.87 -22.80
C SER C 283 8.87 -6.55 -22.05
N LYS C 284 8.72 -7.14 -20.87
CA LYS C 284 7.51 -6.93 -20.06
C LYS C 284 7.53 -5.62 -19.28
N VAL C 285 8.71 -5.00 -19.17
CA VAL C 285 8.85 -3.71 -18.50
C VAL C 285 8.23 -2.62 -19.38
N PRO C 286 7.15 -1.98 -18.90
CA PRO C 286 6.46 -0.99 -19.72
C PRO C 286 7.39 0.10 -20.26
N LEU C 287 8.23 0.67 -19.40
CA LEU C 287 9.19 1.70 -19.82
C LEU C 287 10.48 1.13 -20.43
N TYR C 288 10.67 1.38 -21.72
CA TYR C 288 11.88 0.98 -22.48
C TYR C 288 11.92 -0.49 -22.91
N GLN C 289 11.06 -1.31 -22.31
CA GLN C 289 11.00 -2.75 -22.58
C GLN C 289 12.36 -3.41 -22.38
N ARG C 290 13.01 -3.03 -21.28
CA ARG C 290 14.31 -3.58 -20.91
C ARG C 290 14.54 -3.47 -19.41
N ASP C 291 15.44 -4.31 -18.89
CA ASP C 291 15.92 -4.18 -17.51
C ASP C 291 16.73 -2.90 -17.39
N SER C 292 16.92 -2.43 -16.17
CA SER C 292 17.69 -1.21 -15.96
C SER C 292 19.19 -1.48 -16.01
N SER C 293 19.96 -0.40 -16.19
CA SER C 293 21.40 -0.44 -15.98
C SER C 293 21.65 -0.29 -14.50
N ALA C 294 22.88 -0.56 -14.07
CA ALA C 294 23.26 -0.41 -12.66
C ALA C 294 23.14 1.06 -12.22
N ALA C 295 23.59 1.97 -13.07
CA ALA C 295 23.57 3.41 -12.77
C ALA C 295 22.14 3.93 -12.58
N GLU C 296 21.21 3.41 -13.37
CA GLU C 296 19.80 3.80 -13.27
C GLU C 296 19.22 3.51 -11.87
N VAL C 297 19.81 2.53 -11.17
CA VAL C 297 19.43 2.26 -9.78
C VAL C 297 20.32 3.04 -8.81
N SER C 298 21.64 2.96 -9.00
CA SER C 298 22.58 3.59 -8.07
C SER C 298 22.45 5.11 -8.00
N ASP C 299 22.16 5.77 -9.12
CA ASP C 299 21.96 7.22 -9.09
C ASP C 299 20.86 7.65 -8.12
N VAL C 300 19.85 6.81 -7.94
CA VAL C 300 18.74 7.08 -7.04
C VAL C 300 19.20 6.93 -5.58
N VAL C 301 19.96 5.88 -5.31
CA VAL C 301 20.60 5.68 -4.00
C VAL C 301 21.44 6.91 -3.64
N ILE C 302 22.24 7.37 -4.60
CA ILE C 302 23.12 8.51 -4.40
C ILE C 302 22.31 9.76 -4.07
N PHE C 303 21.23 10.00 -4.82
CA PHE C 303 20.38 11.17 -4.55
C PHE C 303 19.83 11.13 -3.13
N LEU C 304 19.30 9.99 -2.72
CA LEU C 304 18.69 9.84 -1.41
C LEU C 304 19.69 10.07 -0.28
N CYS C 305 20.96 9.83 -0.57
CA CYS C 305 22.03 10.07 0.41
C CYS C 305 22.46 11.54 0.44
N SER C 306 22.16 12.29 -0.61
CA SER C 306 22.52 13.71 -0.70
C SER C 306 21.70 14.55 0.27
N SER C 307 22.23 15.72 0.61
CA SER C 307 21.57 16.62 1.54
C SER C 307 20.28 17.22 0.98
N LYS C 308 20.13 17.23 -0.35
CA LYS C 308 18.87 17.68 -0.96
C LYS C 308 17.69 16.78 -0.61
N ALA C 309 17.98 15.53 -0.26
CA ALA C 309 16.94 14.56 0.09
C ALA C 309 16.77 14.44 1.61
N LYS C 310 17.19 15.48 2.35
CA LYS C 310 17.27 15.34 3.81
C LYS C 310 15.94 15.32 4.56
N TYR C 311 14.84 15.53 3.85
CA TYR C 311 13.53 15.45 4.49
C TYR C 311 12.84 14.12 4.21
N ILE C 312 13.47 13.29 3.38
CA ILE C 312 12.97 11.94 3.08
C ILE C 312 13.50 10.92 4.07
N THR C 313 12.59 10.30 4.81
CA THR C 313 12.92 9.15 5.64
C THR C 313 11.73 8.19 5.73
N GLY C 314 12.04 6.90 5.91
CA GLY C 314 11.01 5.87 6.05
C GLY C 314 10.28 5.48 4.79
N THR C 315 10.80 5.87 3.61
CA THR C 315 10.11 5.64 2.36
C THR C 315 10.87 4.71 1.44
N CYS C 316 10.14 3.99 0.59
CA CYS C 316 10.75 3.13 -0.40
C CYS C 316 10.49 3.66 -1.82
N VAL C 317 11.57 3.85 -2.58
CA VAL C 317 11.48 4.35 -3.95
C VAL C 317 11.64 3.19 -4.95
N LYS C 318 10.59 2.91 -5.73
CA LYS C 318 10.65 1.92 -6.80
C LYS C 318 11.43 2.49 -7.97
N VAL C 319 12.39 1.71 -8.45
CA VAL C 319 13.13 2.03 -9.68
C VAL C 319 12.92 0.81 -10.59
N ASP C 320 11.77 0.77 -11.25
CA ASP C 320 11.29 -0.46 -11.90
C ASP C 320 10.70 -0.29 -13.31
N GLY C 321 10.81 0.91 -13.87
CA GLY C 321 10.26 1.20 -15.19
C GLY C 321 8.79 0.85 -15.36
N GLY C 322 8.05 0.90 -14.25
CA GLY C 322 6.62 0.63 -14.27
C GLY C 322 6.23 -0.84 -14.23
N TYR C 323 7.20 -1.72 -13.98
CA TYR C 323 6.96 -3.16 -13.98
C TYR C 323 5.96 -3.60 -12.92
N SER C 324 5.97 -2.97 -11.74
CA SER C 324 5.01 -3.32 -10.69
C SER C 324 3.57 -2.91 -11.00
N LEU C 325 3.38 -2.15 -12.07
CA LEU C 325 2.06 -1.74 -12.50
C LEU C 325 1.42 -2.79 -13.39
N THR C 326 2.20 -3.79 -13.79
CA THR C 326 1.72 -4.83 -14.73
C THR C 326 0.91 -5.90 -14.02
N ARG C 327 0.17 -6.67 -14.82
CA ARG C 327 -0.62 -7.80 -14.34
C ARG C 327 -0.46 -8.93 -15.36
N ALA C 328 -0.74 -10.17 -14.95
CA ALA C 328 -0.69 -11.29 -15.89
C ALA C 328 -1.82 -11.22 -16.92
N THR D 45 -18.26 -35.37 7.04
CA THR D 45 -16.85 -35.67 7.46
C THR D 45 -16.28 -34.49 8.27
N VAL D 46 -15.42 -34.77 9.27
CA VAL D 46 -15.01 -33.68 10.18
C VAL D 46 -13.65 -33.05 9.84
N PRO D 47 -13.67 -31.76 9.47
CA PRO D 47 -12.43 -31.05 9.13
C PRO D 47 -11.59 -30.69 10.34
N VAL D 48 -10.29 -30.52 10.11
CA VAL D 48 -9.34 -30.32 11.19
C VAL D 48 -8.60 -28.99 11.05
N ALA D 49 -8.48 -28.27 12.17
CA ALA D 49 -7.76 -27.02 12.20
C ALA D 49 -6.60 -27.10 13.18
N LEU D 50 -5.43 -26.63 12.73
CA LEU D 50 -4.28 -26.46 13.61
C LEU D 50 -4.14 -24.98 13.96
N VAL D 51 -4.23 -24.68 15.25
CA VAL D 51 -4.11 -23.30 15.74
C VAL D 51 -2.92 -23.20 16.67
N THR D 52 -1.91 -22.43 16.25
CA THR D 52 -0.71 -22.23 17.07
C THR D 52 -0.95 -21.14 18.13
N GLY D 53 -0.35 -21.32 19.31
CA GLY D 53 -0.58 -20.41 20.43
C GLY D 53 -2.06 -20.32 20.79
N ALA D 54 -2.68 -21.49 20.95
CA ALA D 54 -4.14 -21.61 21.07
C ALA D 54 -4.67 -21.53 22.50
N ALA D 55 -3.78 -21.43 23.48
CA ALA D 55 -4.17 -21.58 24.88
C ALA D 55 -5.07 -20.48 25.42
N LYS D 56 -4.79 -19.24 25.06
CA LYS D 56 -5.57 -18.12 25.58
C LYS D 56 -5.75 -16.98 24.58
N ARG D 57 -6.44 -15.93 25.03
CA ARG D 57 -6.63 -14.71 24.24
C ARG D 57 -7.12 -15.00 22.82
N LEU D 58 -6.48 -14.44 21.80
CA LEU D 58 -7.00 -14.56 20.41
C LEU D 58 -6.98 -15.99 19.88
N GLY D 59 -5.88 -16.70 20.12
CA GLY D 59 -5.75 -18.10 19.69
C GLY D 59 -6.85 -19.00 20.23
N ARG D 60 -7.16 -18.85 21.52
CA ARG D 60 -8.27 -19.57 22.12
C ARG D 60 -9.60 -19.24 21.47
N SER D 61 -9.84 -17.95 21.22
CA SER D 61 -11.06 -17.49 20.56
C SER D 61 -11.16 -18.06 19.14
N ILE D 62 -10.02 -18.17 18.45
CA ILE D 62 -9.96 -18.74 17.11
C ILE D 62 -10.25 -20.24 17.16
N ALA D 63 -9.61 -20.92 18.10
CA ALA D 63 -9.86 -22.34 18.32
C ALA D 63 -11.34 -22.60 18.64
N GLU D 64 -11.92 -21.78 19.52
CA GLU D 64 -13.33 -21.91 19.91
C GLU D 64 -14.27 -21.61 18.74
N GLY D 65 -13.96 -20.57 17.98
CA GLY D 65 -14.75 -20.16 16.82
C GLY D 65 -14.78 -21.26 15.78
N LEU D 66 -13.61 -21.86 15.52
CA LEU D 66 -13.52 -22.94 14.53
C LEU D 66 -14.24 -24.17 15.01
N HIS D 67 -14.09 -24.47 16.30
CA HIS D 67 -14.74 -25.62 16.91
C HIS D 67 -16.27 -25.48 16.84
N ALA D 68 -16.75 -24.26 17.02
CA ALA D 68 -18.19 -23.97 16.96
C ALA D 68 -18.76 -24.19 15.57
N GLU D 69 -17.88 -24.24 14.57
CA GLU D 69 -18.28 -24.45 13.18
C GLU D 69 -18.19 -25.93 12.81
N GLY D 70 -17.73 -26.75 13.75
CA GLY D 70 -17.66 -28.19 13.55
C GLY D 70 -16.26 -28.77 13.41
N TYR D 71 -15.24 -27.91 13.40
CA TYR D 71 -13.86 -28.36 13.26
C TYR D 71 -13.40 -29.15 14.47
N ALA D 72 -12.61 -30.18 14.24
CA ALA D 72 -11.77 -30.73 15.30
C ALA D 72 -10.54 -29.82 15.34
N VAL D 73 -10.02 -29.57 16.53
CA VAL D 73 -8.98 -28.56 16.66
C VAL D 73 -7.75 -29.09 17.37
N CYS D 74 -6.59 -28.89 16.76
CA CYS D 74 -5.32 -29.21 17.39
C CYS D 74 -4.77 -27.93 18.03
N LEU D 75 -4.70 -27.92 19.36
CA LEU D 75 -4.34 -26.72 20.10
C LEU D 75 -2.86 -26.73 20.42
N HIS D 76 -2.09 -25.92 19.69
CA HIS D 76 -0.66 -25.78 20.01
C HIS D 76 -0.44 -24.85 21.19
N TYR D 77 0.54 -25.20 22.02
CA TYR D 77 0.96 -24.32 23.11
C TYR D 77 2.47 -24.39 23.29
N HIS D 78 3.03 -23.39 23.94
CA HIS D 78 4.43 -23.43 24.31
C HIS D 78 4.56 -23.60 25.81
N ARG D 79 4.19 -22.58 26.57
CA ARG D 79 4.36 -22.61 28.02
C ARG D 79 3.05 -22.77 28.77
N SER D 80 1.93 -22.57 28.07
CA SER D 80 0.63 -22.57 28.73
C SER D 80 -0.09 -23.92 28.67
N ALA D 81 0.56 -24.94 29.24
CA ALA D 81 0.01 -26.30 29.28
C ALA D 81 -1.35 -26.38 29.99
N ALA D 82 -1.43 -25.82 31.19
CA ALA D 82 -2.66 -25.84 31.97
C ALA D 82 -3.84 -25.29 31.15
N GLU D 83 -3.69 -24.06 30.65
CA GLU D 83 -4.73 -23.36 29.90
C GLU D 83 -5.14 -24.14 28.65
N ALA D 84 -4.14 -24.64 27.93
CA ALA D 84 -4.39 -25.42 26.72
C ALA D 84 -5.19 -26.69 27.03
N ASN D 85 -4.73 -27.46 28.02
CA ASN D 85 -5.44 -28.67 28.45
C ASN D 85 -6.83 -28.40 29.00
N ALA D 86 -7.02 -27.29 29.70
CA ALA D 86 -8.36 -26.91 30.18
C ALA D 86 -9.27 -26.60 28.98
N LEU D 87 -8.74 -25.88 27.98
CA LEU D 87 -9.52 -25.62 26.77
C LEU D 87 -9.87 -26.91 26.02
N SER D 88 -8.91 -27.83 25.94
CA SER D 88 -9.14 -29.12 25.30
C SER D 88 -10.26 -29.89 25.99
N ALA D 89 -10.22 -29.88 27.32
CA ALA D 89 -11.25 -30.52 28.14
C ALA D 89 -12.64 -29.98 27.82
N THR D 90 -12.81 -28.65 27.84
CA THR D 90 -14.09 -28.02 27.52
C THR D 90 -14.60 -28.48 26.15
N LEU D 91 -13.70 -28.45 25.15
CA LEU D 91 -14.11 -28.76 23.78
C LEU D 91 -14.45 -30.24 23.58
N ASN D 92 -13.64 -31.12 24.18
CA ASN D 92 -13.94 -32.55 24.17
C ASN D 92 -15.23 -32.91 24.92
N ALA D 93 -15.56 -32.15 25.95
CA ALA D 93 -16.83 -32.33 26.66
C ALA D 93 -18.03 -32.00 25.75
N ARG D 94 -17.94 -30.90 24.99
CA ARG D 94 -19.03 -30.51 24.07
C ARG D 94 -19.17 -31.54 22.96
N ARG D 95 -18.04 -32.07 22.51
CA ARG D 95 -18.00 -32.94 21.36
C ARG D 95 -16.79 -33.87 21.52
N PRO D 96 -17.03 -35.14 21.88
CA PRO D 96 -15.93 -36.08 22.12
C PRO D 96 -14.96 -36.16 20.96
N ASN D 97 -13.66 -36.22 21.27
CA ASN D 97 -12.59 -36.33 20.28
C ASN D 97 -12.58 -35.20 19.25
N SER D 98 -12.72 -33.96 19.73
CA SER D 98 -12.73 -32.80 18.87
C SER D 98 -11.58 -31.84 19.19
N ALA D 99 -10.71 -32.24 20.12
CA ALA D 99 -9.60 -31.37 20.55
C ALA D 99 -8.41 -32.17 21.06
N ILE D 100 -7.22 -31.74 20.69
CA ILE D 100 -5.96 -32.27 21.24
C ILE D 100 -4.99 -31.11 21.50
N THR D 101 -3.96 -31.37 22.31
CA THR D 101 -2.96 -30.34 22.58
C THR D 101 -1.57 -30.85 22.19
N VAL D 102 -0.77 -29.98 21.59
CA VAL D 102 0.61 -30.31 21.27
C VAL D 102 1.54 -29.18 21.73
N GLN D 103 2.68 -29.56 22.30
CA GLN D 103 3.65 -28.61 22.82
C GLN D 103 4.77 -28.42 21.82
N ALA D 104 5.18 -27.18 21.59
CA ALA D 104 6.35 -26.86 20.75
C ALA D 104 6.85 -25.44 20.95
N ASP D 105 8.16 -25.33 21.07
CA ASP D 105 8.84 -24.04 21.02
C ASP D 105 9.04 -23.70 19.54
N LEU D 106 8.43 -22.61 19.12
CA LEU D 106 8.43 -22.20 17.73
C LEU D 106 9.51 -21.17 17.43
N SER D 107 10.37 -20.94 18.43
CA SER D 107 11.56 -20.12 18.26
C SER D 107 12.55 -20.80 17.32
N ASN D 108 13.32 -20.00 16.59
CA ASN D 108 14.30 -20.52 15.61
C ASN D 108 15.56 -21.10 16.25
N VAL D 109 15.36 -22.13 17.07
CA VAL D 109 16.45 -22.80 17.76
C VAL D 109 16.31 -24.31 17.67
N ALA D 110 17.44 -25.01 17.78
CA ALA D 110 17.45 -26.45 17.99
C ALA D 110 17.06 -26.78 19.43
N THR D 111 16.29 -27.84 19.62
CA THR D 111 15.93 -28.32 20.96
C THR D 111 16.53 -29.68 21.24
N ALA D 112 16.45 -30.10 22.51
CA ALA D 112 16.94 -31.42 22.93
C ALA D 112 16.00 -32.54 22.48
N PRO D 113 16.57 -33.69 22.02
CA PRO D 113 15.76 -34.89 21.71
C PRO D 113 15.21 -35.58 22.94
N ALA D 121 20.77 -36.54 18.14
CA ALA D 121 20.87 -35.25 17.45
C ALA D 121 19.86 -34.24 18.00
N PRO D 122 20.19 -32.92 17.92
CA PRO D 122 19.23 -31.90 18.35
C PRO D 122 18.08 -31.79 17.35
N VAL D 123 16.91 -31.38 17.83
CA VAL D 123 15.73 -31.26 16.98
C VAL D 123 15.58 -29.83 16.48
N THR D 124 15.55 -29.67 15.15
CA THR D 124 15.43 -28.34 14.54
C THR D 124 13.98 -27.83 14.58
N LEU D 125 13.82 -26.52 14.37
CA LEU D 125 12.52 -25.90 14.30
C LEU D 125 11.66 -26.52 13.20
N PHE D 126 12.27 -26.75 12.04
CA PHE D 126 11.55 -27.31 10.92
C PHE D 126 10.90 -28.64 11.30
N THR D 127 11.70 -29.54 11.88
CA THR D 127 11.21 -30.84 12.34
C THR D 127 10.05 -30.68 13.32
N ARG D 128 10.20 -29.78 14.29
CA ARG D 128 9.14 -29.50 15.26
C ARG D 128 7.86 -29.01 14.59
N CYS D 129 8.00 -28.20 13.55
CA CYS D 129 6.86 -27.70 12.79
C CYS D 129 6.18 -28.82 12.01
N ALA D 130 6.98 -29.69 11.40
CA ALA D 130 6.46 -30.83 10.64
C ALA D 130 5.65 -31.78 11.53
N GLU D 131 6.11 -31.96 12.76
CA GLU D 131 5.44 -32.82 13.74
C GLU D 131 4.09 -32.25 14.20
N LEU D 132 3.97 -30.93 14.22
CA LEU D 132 2.69 -30.29 14.53
C LEU D 132 1.64 -30.66 13.49
N VAL D 133 2.02 -30.56 12.22
CA VAL D 133 1.10 -30.90 11.13
C VAL D 133 0.86 -32.41 11.16
N ALA D 134 1.92 -33.19 11.35
CA ALA D 134 1.83 -34.65 11.46
C ALA D 134 0.86 -35.12 12.55
N ALA D 135 0.86 -34.43 13.69
CA ALA D 135 -0.03 -34.77 14.81
C ALA D 135 -1.50 -34.74 14.40
N CYS D 136 -1.86 -33.82 13.51
CA CYS D 136 -3.23 -33.73 12.98
C CYS D 136 -3.54 -34.94 12.11
N TYR D 137 -2.58 -35.33 11.28
CA TYR D 137 -2.76 -36.47 10.40
C TYR D 137 -2.80 -37.79 11.16
N THR D 138 -1.90 -37.95 12.13
CA THR D 138 -1.88 -39.13 12.97
C THR D 138 -3.19 -39.31 13.73
N HIS D 139 -3.73 -38.22 14.27
CA HIS D 139 -4.93 -38.33 15.10
C HIS D 139 -6.24 -38.39 14.31
N TRP D 140 -6.32 -37.63 13.22
CA TRP D 140 -7.59 -37.41 12.53
C TRP D 140 -7.52 -37.67 11.01
N GLY D 141 -6.33 -37.96 10.52
CA GLY D 141 -6.14 -38.27 9.10
C GLY D 141 -6.19 -37.10 8.14
N ARG D 142 -6.21 -35.88 8.68
CA ARG D 142 -6.32 -34.67 7.86
C ARG D 142 -5.89 -33.39 8.59
N CYS D 143 -5.62 -32.34 7.80
CA CYS D 143 -5.43 -30.99 8.31
C CYS D 143 -5.89 -30.01 7.26
N ASP D 144 -7.01 -29.34 7.55
CA ASP D 144 -7.68 -28.50 6.55
C ASP D 144 -7.37 -27.02 6.71
N VAL D 145 -7.18 -26.59 7.95
CA VAL D 145 -6.96 -25.19 8.27
C VAL D 145 -5.72 -25.08 9.14
N LEU D 146 -4.88 -24.09 8.83
CA LEU D 146 -3.75 -23.73 9.69
C LEU D 146 -3.88 -22.26 10.04
N VAL D 147 -3.84 -21.95 11.34
CA VAL D 147 -3.84 -20.56 11.78
C VAL D 147 -2.53 -20.27 12.51
N ASN D 148 -1.69 -19.48 11.85
CA ASN D 148 -0.42 -19.05 12.43
C ASN D 148 -0.70 -17.90 13.35
N ASN D 149 -0.90 -18.23 14.63
CA ASN D 149 -1.30 -17.25 15.62
C ASN D 149 -0.22 -16.99 16.65
N ALA D 150 0.51 -18.04 17.02
CA ALA D 150 1.56 -17.95 18.04
C ALA D 150 2.57 -16.85 17.67
N SER D 151 2.91 -16.03 18.65
CA SER D 151 3.73 -14.85 18.41
C SER D 151 4.29 -14.29 19.69
N SER D 152 5.61 -14.15 19.75
CA SER D 152 6.22 -13.37 20.84
C SER D 152 6.25 -11.89 20.45
N PHE D 153 6.27 -11.03 21.46
CA PHE D 153 6.09 -9.60 21.27
C PHE D 153 6.70 -8.84 22.44
N TYR D 154 7.86 -8.24 22.22
CA TYR D 154 8.53 -7.40 23.22
C TYR D 154 9.58 -6.50 22.55
N PRO D 155 10.01 -5.43 23.25
CA PRO D 155 10.97 -4.49 22.68
C PRO D 155 12.31 -5.09 22.28
N THR D 156 12.82 -4.68 21.12
CA THR D 156 14.21 -4.90 20.74
C THR D 156 14.75 -3.55 20.28
N PRO D 157 15.11 -2.67 21.24
CA PRO D 157 15.45 -1.28 20.93
C PRO D 157 16.72 -1.18 20.09
N LEU D 158 16.76 -0.19 19.20
CA LEU D 158 17.95 0.10 18.42
C LEU D 158 18.92 0.96 19.24
N LEU D 159 18.37 1.71 20.18
CA LEU D 159 19.14 2.59 21.05
C LEU D 159 19.02 2.20 22.53
N ARG D 160 20.15 2.23 23.25
CA ARG D 160 20.20 1.88 24.67
C ARG D 160 19.35 2.78 25.58
N ASP D 172 24.24 -7.31 28.03
CA ASP D 172 23.45 -8.50 27.71
C ASP D 172 23.40 -8.80 26.19
N ARG D 173 24.41 -9.53 25.69
CA ARG D 173 24.50 -9.87 24.26
C ARG D 173 23.73 -11.14 23.90
N GLU D 174 23.79 -12.14 24.79
CA GLU D 174 22.99 -13.36 24.64
C GLU D 174 21.50 -13.03 24.62
N ALA D 175 21.09 -12.03 25.43
CA ALA D 175 19.72 -11.52 25.47
C ALA D 175 19.14 -11.31 24.08
N MET D 176 19.95 -10.71 23.21
CA MET D 176 19.47 -10.05 21.99
C MET D 176 19.29 -11.04 20.86
N GLU D 177 19.65 -12.28 21.15
CA GLU D 177 20.08 -13.26 20.19
C GLU D 177 19.07 -14.39 20.24
N THR D 178 18.74 -14.77 21.48
CA THR D 178 17.51 -15.48 21.81
C THR D 178 16.29 -14.64 21.43
N ALA D 179 16.39 -13.32 21.58
CA ALA D 179 15.30 -12.41 21.17
C ALA D 179 15.06 -12.51 19.67
N THR D 180 16.14 -12.46 18.89
CA THR D 180 16.07 -12.57 17.43
C THR D 180 15.41 -13.89 17.03
N ALA D 181 15.88 -15.01 17.58
CA ALA D 181 15.35 -16.33 17.26
C ALA D 181 13.92 -16.55 17.74
N ASP D 182 13.57 -15.96 18.89
CA ASP D 182 12.22 -16.09 19.46
C ASP D 182 11.20 -15.28 18.65
N LEU D 183 11.51 -14.01 18.42
CA LEU D 183 10.62 -13.12 17.68
C LEU D 183 10.50 -13.50 16.20
N PHE D 184 11.63 -13.76 15.54
CA PHE D 184 11.59 -14.18 14.14
C PHE D 184 11.05 -15.58 13.90
N GLY D 185 11.36 -16.50 14.81
CA GLY D 185 10.88 -17.88 14.72
C GLY D 185 9.38 -17.95 14.79
N SER D 186 8.80 -17.43 15.87
CA SER D 186 7.37 -17.53 16.11
C SER D 186 6.54 -16.77 15.07
N ASN D 187 6.99 -15.57 14.73
CA ASN D 187 6.23 -14.69 13.87
C ASN D 187 6.38 -14.95 12.37
N ALA D 188 7.48 -15.60 11.98
CA ALA D 188 7.84 -15.70 10.56
C ALA D 188 8.37 -17.07 10.11
N ILE D 189 9.46 -17.52 10.74
CA ILE D 189 10.14 -18.74 10.30
C ILE D 189 9.30 -19.99 10.54
N ALA D 190 8.74 -20.13 11.75
CA ALA D 190 7.87 -21.26 12.04
C ALA D 190 6.65 -21.32 11.13
N PRO D 191 5.91 -20.19 10.94
CA PRO D 191 4.83 -20.15 9.93
C PRO D 191 5.25 -20.66 8.55
N TYR D 192 6.44 -20.26 8.10
CA TYR D 192 6.95 -20.76 6.83
C TYR D 192 7.02 -22.27 6.83
N PHE D 193 7.73 -22.84 7.80
CA PHE D 193 7.89 -24.29 7.93
C PHE D 193 6.55 -25.00 8.10
N LEU D 194 5.67 -24.40 8.89
CA LEU D 194 4.33 -24.94 9.09
C LEU D 194 3.55 -24.96 7.78
N ILE D 195 3.62 -23.87 7.03
CA ILE D 195 2.95 -23.83 5.72
C ILE D 195 3.54 -24.89 4.79
N LYS D 196 4.88 -24.99 4.76
CA LYS D 196 5.57 -25.99 3.94
C LYS D 196 5.08 -27.41 4.26
N ALA D 197 5.10 -27.76 5.54
CA ALA D 197 4.60 -29.06 5.98
C ALA D 197 3.13 -29.27 5.60
N PHE D 198 2.31 -28.26 5.88
CA PHE D 198 0.88 -28.29 5.56
C PHE D 198 0.67 -28.57 4.09
N ALA D 199 1.39 -27.84 3.22
CA ALA D 199 1.29 -28.00 1.77
C ALA D 199 1.78 -29.37 1.30
N HIS D 200 2.92 -29.81 1.85
CA HIS D 200 3.50 -31.12 1.52
C HIS D 200 2.48 -32.24 1.77
N ARG D 201 1.77 -32.17 2.89
CA ARG D 201 0.77 -33.19 3.23
C ARG D 201 -0.41 -33.19 2.27
N VAL D 202 -0.84 -32.01 1.82
CA VAL D 202 -1.92 -31.88 0.84
C VAL D 202 -1.48 -32.43 -0.52
N ALA D 203 -0.26 -32.08 -0.93
CA ALA D 203 0.30 -32.56 -2.20
C ALA D 203 0.43 -34.09 -2.18
N GLY D 204 0.84 -34.63 -1.05
CA GLY D 204 1.03 -36.07 -0.89
C GLY D 204 -0.27 -36.86 -0.79
N THR D 205 -1.39 -36.16 -0.55
CA THR D 205 -2.70 -36.78 -0.54
C THR D 205 -3.22 -36.90 -1.97
N PRO D 206 -3.73 -38.10 -2.36
CA PRO D 206 -4.35 -38.29 -3.67
C PRO D 206 -5.55 -37.35 -3.85
N ALA D 207 -5.67 -36.77 -5.03
CA ALA D 207 -6.68 -35.75 -5.32
C ALA D 207 -8.09 -36.13 -4.84
N LYS D 208 -8.48 -37.38 -5.08
CA LYS D 208 -9.82 -37.87 -4.72
C LYS D 208 -10.07 -37.93 -3.20
N HIS D 209 -9.00 -37.89 -2.41
CA HIS D 209 -9.13 -37.95 -0.94
C HIS D 209 -8.89 -36.59 -0.24
N ARG D 210 -8.58 -35.55 -1.01
CA ARG D 210 -8.30 -34.22 -0.45
C ARG D 210 -9.57 -33.54 0.08
N GLY D 211 -9.39 -32.65 1.04
CA GLY D 211 -10.49 -31.80 1.49
C GLY D 211 -10.87 -30.78 0.43
N THR D 212 -11.98 -30.09 0.65
CA THR D 212 -12.52 -29.18 -0.35
C THR D 212 -12.41 -27.71 0.06
N ASN D 213 -11.79 -27.42 1.21
CA ASN D 213 -11.72 -26.06 1.76
C ASN D 213 -10.46 -25.82 2.57
N TYR D 214 -9.31 -25.90 1.92
CA TYR D 214 -8.03 -25.66 2.58
C TYR D 214 -7.78 -24.17 2.76
N SER D 215 -7.46 -23.78 3.99
CA SER D 215 -7.32 -22.38 4.33
C SER D 215 -6.20 -22.19 5.37
N ILE D 216 -5.28 -21.27 5.07
CA ILE D 216 -4.21 -20.90 6.01
C ILE D 216 -4.35 -19.42 6.36
N ILE D 217 -4.47 -19.12 7.65
CA ILE D 217 -4.61 -17.74 8.09
C ILE D 217 -3.39 -17.34 8.91
N ASN D 218 -2.74 -16.25 8.52
CA ASN D 218 -1.60 -15.72 9.25
C ASN D 218 -2.04 -14.54 10.09
N MET D 219 -1.76 -14.59 11.39
CA MET D 219 -2.10 -13.46 12.24
C MET D 219 -1.02 -12.38 12.11
N VAL D 220 -1.36 -11.32 11.39
CA VAL D 220 -0.44 -10.22 11.20
C VAL D 220 -0.75 -9.04 12.13
N ASP D 221 -0.43 -7.82 11.72
CA ASP D 221 -0.62 -6.65 12.57
C ASP D 221 -1.02 -5.47 11.70
N ALA D 222 -2.18 -4.89 11.98
CA ALA D 222 -2.69 -3.76 11.21
C ALA D 222 -1.84 -2.48 11.34
N MET D 223 -1.05 -2.41 12.41
CA MET D 223 -0.36 -1.19 12.80
C MET D 223 1.12 -1.12 12.46
N THR D 224 1.68 -2.20 11.90
CA THR D 224 3.14 -2.28 11.70
C THR D 224 3.71 -1.34 10.65
N ASN D 225 2.86 -0.83 9.75
CA ASN D 225 3.26 0.26 8.86
C ASN D 225 3.39 1.60 9.57
N GLN D 226 2.86 1.66 10.79
CA GLN D 226 3.05 2.77 11.68
C GLN D 226 3.78 2.20 12.92
N PRO D 227 5.06 1.86 12.76
CA PRO D 227 5.75 0.97 13.69
C PRO D 227 5.69 1.42 15.14
N LEU D 228 5.51 0.45 16.03
CA LEU D 228 5.60 0.69 17.45
C LEU D 228 7.06 0.91 17.82
N LEU D 229 7.33 2.06 18.42
CA LEU D 229 8.70 2.46 18.77
C LEU D 229 9.40 1.41 19.64
N GLY D 230 10.55 0.94 19.16
CA GLY D 230 11.38 0.00 19.92
C GLY D 230 11.12 -1.47 19.64
N TYR D 231 10.24 -1.75 18.68
CA TYR D 231 9.82 -3.12 18.41
C TYR D 231 10.29 -3.63 17.05
N THR D 232 11.48 -3.20 16.63
CA THR D 232 11.98 -3.46 15.28
C THR D 232 11.89 -4.93 14.82
N ILE D 233 12.48 -5.85 15.58
CA ILE D 233 12.49 -7.26 15.19
C ILE D 233 11.07 -7.79 15.02
N TYR D 234 10.20 -7.51 15.97
CA TYR D 234 8.80 -7.90 15.87
C TYR D 234 8.19 -7.37 14.57
N THR D 235 8.37 -6.07 14.32
CA THR D 235 7.83 -5.41 13.13
C THR D 235 8.38 -6.04 11.85
N MET D 236 9.68 -6.29 11.83
CA MET D 236 10.33 -6.97 10.72
C MET D 236 9.69 -8.32 10.47
N ALA D 237 9.45 -9.07 11.55
CA ALA D 237 8.89 -10.41 11.47
C ALA D 237 7.46 -10.40 10.90
N LYS D 238 6.66 -9.40 11.26
CA LYS D 238 5.31 -9.29 10.72
C LYS D 238 5.38 -8.93 9.24
N GLY D 239 6.35 -8.09 8.87
CA GLY D 239 6.61 -7.78 7.48
C GLY D 239 6.90 -9.05 6.70
N ALA D 240 7.72 -9.92 7.29
CA ALA D 240 8.04 -11.22 6.69
C ALA D 240 6.79 -12.10 6.57
N LEU D 241 5.96 -12.08 7.61
CA LEU D 241 4.73 -12.87 7.59
C LEU D 241 3.77 -12.41 6.51
N GLU D 242 3.72 -11.10 6.28
CA GLU D 242 2.95 -10.54 5.17
C GLU D 242 3.47 -11.07 3.83
N GLY D 243 4.79 -11.12 3.67
CA GLY D 243 5.41 -11.63 2.46
C GLY D 243 5.08 -13.10 2.28
N LEU D 244 5.07 -13.85 3.38
CA LEU D 244 4.74 -15.26 3.36
C LEU D 244 3.32 -15.45 2.87
N THR D 245 2.40 -14.63 3.37
CA THR D 245 1.00 -14.68 2.99
C THR D 245 0.86 -14.55 1.47
N ARG D 246 1.53 -13.57 0.89
CA ARG D 246 1.44 -13.30 -0.53
C ARG D 246 2.13 -14.38 -1.37
N SER D 247 3.36 -14.73 -1.00
CA SER D 247 4.10 -15.76 -1.73
C SER D 247 3.39 -17.12 -1.68
N ALA D 248 2.98 -17.54 -0.48
CA ALA D 248 2.28 -18.81 -0.32
C ALA D 248 0.95 -18.85 -1.07
N ALA D 249 0.20 -17.75 -1.04
CA ALA D 249 -1.06 -17.66 -1.75
C ALA D 249 -0.88 -17.97 -3.23
N LEU D 250 0.15 -17.38 -3.84
CA LEU D 250 0.44 -17.59 -5.25
C LEU D 250 0.86 -19.02 -5.55
N GLU D 251 1.81 -19.54 -4.77
CA GLU D 251 2.38 -20.86 -5.04
C GLU D 251 1.41 -22.01 -4.75
N LEU D 252 0.53 -21.81 -3.77
CA LEU D 252 -0.36 -22.88 -3.31
C LEU D 252 -1.74 -22.81 -3.92
N ALA D 253 -1.96 -21.79 -4.75
CA ALA D 253 -3.21 -21.66 -5.51
C ALA D 253 -3.57 -22.91 -6.34
N PRO D 254 -2.59 -23.50 -7.07
CA PRO D 254 -2.90 -24.74 -7.81
C PRO D 254 -3.47 -25.88 -6.95
N LEU D 255 -3.11 -25.92 -5.66
CA LEU D 255 -3.64 -26.92 -4.74
C LEU D 255 -4.90 -26.44 -4.02
N GLN D 256 -5.42 -25.29 -4.44
CA GLN D 256 -6.61 -24.70 -3.84
C GLN D 256 -6.46 -24.41 -2.34
N ILE D 257 -5.22 -24.19 -1.93
CA ILE D 257 -4.95 -23.73 -0.58
C ILE D 257 -4.93 -22.21 -0.59
N ARG D 258 -5.87 -21.61 0.13
CA ARG D 258 -5.95 -20.17 0.25
C ARG D 258 -5.10 -19.71 1.42
N VAL D 259 -4.35 -18.63 1.23
CA VAL D 259 -3.51 -18.08 2.29
C VAL D 259 -3.83 -16.61 2.44
N ASN D 260 -4.35 -16.28 3.61
CA ASN D 260 -4.74 -14.90 3.92
C ASN D 260 -4.22 -14.43 5.26
N GLY D 261 -4.31 -13.13 5.49
CA GLY D 261 -3.89 -12.55 6.76
C GLY D 261 -5.00 -11.82 7.49
N VAL D 262 -4.95 -11.88 8.81
CA VAL D 262 -5.83 -11.06 9.66
C VAL D 262 -4.95 -10.21 10.55
N GLY D 263 -5.19 -8.91 10.54
CA GLY D 263 -4.38 -7.98 11.33
C GLY D 263 -5.18 -7.18 12.33
N PRO D 264 -5.12 -7.58 13.62
CA PRO D 264 -5.67 -6.78 14.68
C PRO D 264 -4.92 -5.46 14.83
N GLY D 265 -5.57 -4.47 15.41
CA GLY D 265 -4.92 -3.23 15.83
C GLY D 265 -4.63 -3.32 17.31
N LEU D 266 -5.66 -3.10 18.12
CA LEU D 266 -5.59 -3.27 19.56
C LEU D 266 -6.68 -4.24 19.99
N SER D 267 -6.28 -5.35 20.60
CA SER D 267 -7.23 -6.38 21.02
C SER D 267 -6.92 -6.88 22.41
N VAL D 268 -7.98 -7.10 23.20
CA VAL D 268 -7.89 -7.64 24.57
C VAL D 268 -6.67 -7.08 25.32
N LEU D 269 -6.64 -5.75 25.40
CA LEU D 269 -5.57 -5.00 26.04
C LEU D 269 -5.52 -5.32 27.55
N VAL D 270 -4.32 -5.62 28.04
CA VAL D 270 -4.13 -5.95 29.46
C VAL D 270 -3.96 -4.64 30.23
N GLU D 279 -6.59 3.46 29.48
CA GLU D 279 -7.67 4.22 28.86
C GLU D 279 -7.18 5.14 27.75
N GLY D 280 -5.99 5.70 27.95
CA GLY D 280 -5.39 6.63 27.01
C GLY D 280 -5.15 5.98 25.66
N HIS D 281 -4.60 4.77 25.69
CA HIS D 281 -4.28 4.03 24.47
C HIS D 281 -5.53 3.63 23.68
N ARG D 282 -6.46 2.96 24.36
CA ARG D 282 -7.70 2.49 23.74
C ARG D 282 -8.60 3.60 23.21
N SER D 283 -8.55 4.78 23.82
CA SER D 283 -9.39 5.90 23.38
C SER D 283 -8.97 6.47 22.04
N LYS D 284 -7.81 6.05 21.55
CA LYS D 284 -7.31 6.53 20.25
C LYS D 284 -7.89 5.79 19.05
N VAL D 285 -8.53 4.64 19.31
CA VAL D 285 -9.23 3.89 18.27
C VAL D 285 -10.50 4.65 17.84
N PRO D 286 -10.54 5.12 16.58
CA PRO D 286 -11.68 5.92 16.13
C PRO D 286 -13.03 5.25 16.37
N LEU D 287 -13.14 3.96 16.01
CA LEU D 287 -14.39 3.22 16.24
C LEU D 287 -14.50 2.65 17.66
N TYR D 288 -15.48 3.13 18.41
CA TYR D 288 -15.81 2.66 19.77
C TYR D 288 -14.87 3.17 20.88
N GLN D 289 -13.72 3.74 20.48
CA GLN D 289 -12.69 4.24 21.42
C GLN D 289 -12.32 3.17 22.44
N ARG D 290 -12.12 1.95 21.95
CA ARG D 290 -11.71 0.83 22.77
C ARG D 290 -10.98 -0.21 21.92
N ASP D 291 -10.20 -1.06 22.58
CA ASP D 291 -9.61 -2.22 21.94
C ASP D 291 -10.72 -3.20 21.58
N SER D 292 -10.43 -4.14 20.68
CA SER D 292 -11.42 -5.14 20.32
C SER D 292 -11.51 -6.27 21.34
N SER D 293 -12.60 -7.02 21.28
CA SER D 293 -12.70 -8.29 21.99
C SER D 293 -12.02 -9.34 21.15
N ALA D 294 -11.77 -10.50 21.74
CA ALA D 294 -11.19 -11.61 21.02
C ALA D 294 -12.09 -12.07 19.87
N ALA D 295 -13.40 -12.13 20.12
CA ALA D 295 -14.35 -12.60 19.11
C ALA D 295 -14.43 -11.67 17.91
N GLU D 296 -14.25 -10.37 18.15
CA GLU D 296 -14.27 -9.39 17.08
C GLU D 296 -13.14 -9.62 16.08
N VAL D 297 -12.05 -10.25 16.53
CA VAL D 297 -10.97 -10.68 15.63
C VAL D 297 -11.25 -12.09 15.12
N SER D 298 -11.52 -13.03 16.03
CA SER D 298 -11.64 -14.44 15.65
C SER D 298 -12.79 -14.72 14.68
N ASP D 299 -13.92 -14.05 14.83
CA ASP D 299 -15.01 -14.19 13.86
C ASP D 299 -14.59 -13.93 12.40
N VAL D 300 -13.64 -13.03 12.21
CA VAL D 300 -13.14 -12.71 10.88
C VAL D 300 -12.28 -13.87 10.35
N VAL D 301 -11.44 -14.42 11.21
CA VAL D 301 -10.63 -15.59 10.88
C VAL D 301 -11.53 -16.74 10.46
N ILE D 302 -12.58 -16.96 11.25
CA ILE D 302 -13.58 -18.00 10.96
C ILE D 302 -14.25 -17.77 9.60
N PHE D 303 -14.68 -16.53 9.32
CA PHE D 303 -15.29 -16.25 8.02
C PHE D 303 -14.37 -16.59 6.85
N LEU D 304 -13.12 -16.12 6.94
CA LEU D 304 -12.11 -16.36 5.90
C LEU D 304 -11.85 -17.84 5.65
N CYS D 305 -12.01 -18.66 6.68
CA CYS D 305 -11.89 -20.12 6.53
C CYS D 305 -13.14 -20.77 5.96
N SER D 306 -14.26 -20.05 5.97
CA SER D 306 -15.53 -20.60 5.46
C SER D 306 -15.52 -20.66 3.94
N SER D 307 -16.33 -21.56 3.38
CA SER D 307 -16.40 -21.73 1.93
C SER D 307 -16.96 -20.51 1.19
N LYS D 308 -17.70 -19.66 1.91
CA LYS D 308 -18.18 -18.41 1.31
C LYS D 308 -17.05 -17.44 0.95
N ALA D 309 -15.92 -17.59 1.64
CA ALA D 309 -14.74 -16.77 1.35
C ALA D 309 -13.75 -17.45 0.41
N LYS D 310 -14.23 -18.41 -0.38
CA LYS D 310 -13.32 -19.27 -1.15
C LYS D 310 -12.63 -18.61 -2.35
N TYR D 311 -13.02 -17.37 -2.68
CA TYR D 311 -12.34 -16.64 -3.76
C TYR D 311 -11.31 -15.64 -3.21
N ILE D 312 -11.22 -15.53 -1.89
CA ILE D 312 -10.23 -14.67 -1.24
C ILE D 312 -8.93 -15.45 -0.98
N THR D 313 -7.85 -14.99 -1.60
CA THR D 313 -6.51 -15.46 -1.26
C THR D 313 -5.48 -14.34 -1.44
N GLY D 314 -4.40 -14.43 -0.66
CA GLY D 314 -3.30 -13.46 -0.71
C GLY D 314 -3.60 -12.08 -0.16
N THR D 315 -4.66 -11.95 0.62
CA THR D 315 -5.06 -10.65 1.12
C THR D 315 -4.97 -10.56 2.65
N CYS D 316 -4.72 -9.36 3.16
CA CYS D 316 -4.72 -9.09 4.59
C CYS D 316 -5.91 -8.22 4.99
N VAL D 317 -6.71 -8.70 5.94
CA VAL D 317 -7.87 -7.97 6.43
C VAL D 317 -7.55 -7.30 7.78
N LYS D 318 -7.57 -5.97 7.79
CA LYS D 318 -7.41 -5.21 9.04
C LYS D 318 -8.68 -5.31 9.88
N VAL D 319 -8.49 -5.65 11.15
CA VAL D 319 -9.56 -5.64 12.14
C VAL D 319 -9.10 -4.70 13.25
N ASP D 320 -9.21 -3.39 13.00
CA ASP D 320 -8.52 -2.39 13.83
C ASP D 320 -9.36 -1.18 14.24
N GLY D 321 -10.66 -1.20 13.97
CA GLY D 321 -11.52 -0.08 14.35
C GLY D 321 -11.06 1.27 13.80
N GLY D 322 -10.36 1.23 12.66
CA GLY D 322 -9.89 2.43 12.00
C GLY D 322 -8.60 3.00 12.57
N TYR D 323 -7.96 2.27 13.49
CA TYR D 323 -6.76 2.78 14.16
C TYR D 323 -5.60 3.13 13.22
N SER D 324 -5.41 2.32 12.17
CA SER D 324 -4.37 2.59 11.17
C SER D 324 -4.65 3.82 10.30
N LEU D 325 -5.84 4.38 10.42
CA LEU D 325 -6.17 5.61 9.70
C LEU D 325 -5.67 6.86 10.44
N THR D 326 -5.23 6.67 11.70
CA THR D 326 -4.87 7.79 12.57
C THR D 326 -3.46 8.29 12.30
N ARG D 327 -3.18 9.49 12.81
CA ARG D 327 -1.86 10.10 12.69
C ARG D 327 -1.57 10.81 14.01
N ALA D 328 -0.30 11.06 14.31
CA ALA D 328 0.08 11.77 15.54
C ALA D 328 -0.38 13.23 15.51
#